data_1IYM
#
_entry.id   1IYM
#
loop_
_entity.id
_entity.type
_entity.pdbx_description
1 polymer EL5
2 non-polymer 'ZINC ION'
#
_entity_poly.entity_id   1
_entity_poly.type   'polypeptide(L)'
_entity_poly.pdbx_seq_one_letter_code
;AMDDGVECAVCLAELEDGEEARFLPRCGHGFHAECVDMWLGSHSTCPLCRLTVVV
;
_entity_poly.pdbx_strand_id   A
#
# COMPACT_ATOMS: atom_id res chain seq x y z
N ALA A 1 -1.85 4.76 20.87
CA ALA A 1 -2.38 5.58 19.75
C ALA A 1 -3.48 4.80 19.01
N MET A 2 -4.13 5.42 18.07
CA MET A 2 -5.21 4.71 17.31
C MET A 2 -4.57 3.78 16.28
N ASP A 3 -4.35 2.54 16.63
CA ASP A 3 -3.74 1.59 15.66
C ASP A 3 -4.83 0.99 14.78
N ASP A 4 -5.72 1.80 14.28
CA ASP A 4 -6.81 1.26 13.40
C ASP A 4 -6.98 2.18 12.19
N GLY A 5 -6.10 2.08 11.23
CA GLY A 5 -6.22 2.95 10.02
C GLY A 5 -5.59 2.25 8.83
N VAL A 6 -4.78 2.93 8.07
CA VAL A 6 -4.13 2.30 6.89
C VAL A 6 -2.72 1.84 7.28
N GLU A 7 -2.56 0.58 7.56
CA GLU A 7 -1.20 0.07 7.94
C GLU A 7 -0.45 -0.42 6.70
N CYS A 8 0.80 -0.05 6.59
CA CYS A 8 1.62 -0.50 5.43
C CYS A 8 1.94 -1.98 5.59
N ALA A 9 1.39 -2.81 4.75
CA ALA A 9 1.67 -4.27 4.86
C ALA A 9 3.15 -4.54 4.57
N VAL A 10 3.86 -3.54 4.11
CA VAL A 10 5.30 -3.76 3.79
C VAL A 10 6.19 -3.27 4.94
N CYS A 11 6.22 -1.98 5.19
CA CYS A 11 7.10 -1.49 6.30
C CYS A 11 6.30 -1.38 7.60
N LEU A 12 4.99 -1.41 7.51
CA LEU A 12 4.16 -1.31 8.75
C LEU A 12 4.46 0.02 9.45
N ALA A 13 4.62 1.07 8.69
CA ALA A 13 4.90 2.39 9.30
C ALA A 13 3.67 3.29 9.20
N GLU A 14 3.21 3.82 10.30
CA GLU A 14 2.01 4.69 10.25
C GLU A 14 2.15 5.69 9.11
N LEU A 15 1.29 5.60 8.12
CA LEU A 15 1.37 6.54 6.97
C LEU A 15 1.25 7.98 7.47
N GLU A 16 2.32 8.72 7.48
CA GLU A 16 2.27 10.13 7.97
C GLU A 16 2.52 11.08 6.79
N ASP A 17 2.38 12.37 7.02
CA ASP A 17 2.61 13.33 5.91
C ASP A 17 4.09 13.40 5.58
N GLY A 18 4.43 13.64 4.34
CA GLY A 18 5.87 13.71 3.96
C GLY A 18 6.21 12.52 3.05
N GLU A 19 5.35 11.54 2.98
CA GLU A 19 5.64 10.36 2.12
C GLU A 19 4.68 10.35 0.93
N GLU A 20 4.83 9.41 0.04
CA GLU A 20 3.93 9.34 -1.15
C GLU A 20 3.21 7.99 -1.16
N ALA A 21 2.28 7.80 -0.26
CA ALA A 21 1.55 6.50 -0.22
C ALA A 21 0.66 6.37 -1.46
N ARG A 22 0.59 5.19 -2.02
CA ARG A 22 -0.25 5.01 -3.24
C ARG A 22 -1.45 4.11 -2.90
N PHE A 23 -2.64 4.59 -3.13
CA PHE A 23 -3.86 3.78 -2.84
C PHE A 23 -4.35 3.14 -4.15
N LEU A 24 -4.91 1.96 -4.09
CA LEU A 24 -5.40 1.32 -5.36
C LEU A 24 -6.91 1.54 -5.50
N PRO A 25 -7.38 1.43 -6.72
CA PRO A 25 -8.81 1.63 -7.04
C PRO A 25 -9.66 0.40 -6.69
N ARG A 26 -9.20 -0.79 -6.98
CA ARG A 26 -10.02 -1.99 -6.67
C ARG A 26 -10.44 -1.97 -5.21
N CYS A 27 -9.53 -1.67 -4.34
CA CYS A 27 -9.85 -1.70 -2.88
C CYS A 27 -9.62 -0.34 -2.23
N GLY A 28 -8.48 0.25 -2.43
CA GLY A 28 -8.20 1.56 -1.78
C GLY A 28 -7.13 1.35 -0.70
N HIS A 29 -6.64 0.15 -0.54
CA HIS A 29 -5.58 -0.09 0.49
C HIS A 29 -4.46 0.91 0.20
N GLY A 30 -4.14 1.75 1.14
CA GLY A 30 -3.07 2.75 0.89
C GLY A 30 -1.72 2.23 1.40
N PHE A 31 -0.73 2.24 0.54
CA PHE A 31 0.63 1.77 0.93
C PHE A 31 1.61 2.90 0.67
N HIS A 32 2.88 2.65 0.76
CA HIS A 32 3.87 3.74 0.52
C HIS A 32 4.29 3.74 -0.94
N ALA A 33 4.81 4.83 -1.43
CA ALA A 33 5.26 4.85 -2.84
C ALA A 33 6.57 4.05 -2.88
N GLU A 34 7.27 4.04 -1.79
CA GLU A 34 8.56 3.30 -1.72
C GLU A 34 8.30 1.82 -1.39
N CYS A 35 7.55 1.55 -0.34
CA CYS A 35 7.28 0.12 0.01
C CYS A 35 6.43 -0.51 -1.10
N VAL A 36 5.48 0.20 -1.61
CA VAL A 36 4.62 -0.36 -2.69
C VAL A 36 5.48 -0.66 -3.93
N ASP A 37 6.56 0.05 -4.10
CA ASP A 37 7.43 -0.21 -5.29
C ASP A 37 8.29 -1.44 -5.02
N MET A 38 8.93 -1.50 -3.88
CA MET A 38 9.78 -2.68 -3.55
C MET A 38 8.87 -3.91 -3.43
N TRP A 39 7.63 -3.69 -3.16
CA TRP A 39 6.68 -4.84 -3.03
C TRP A 39 6.29 -5.32 -4.42
N LEU A 40 6.47 -4.49 -5.41
CA LEU A 40 6.11 -4.92 -6.77
C LEU A 40 7.12 -5.96 -7.22
N GLY A 41 8.31 -5.51 -7.53
CA GLY A 41 9.42 -6.44 -7.96
C GLY A 41 8.83 -7.73 -8.58
N SER A 42 7.74 -7.61 -9.30
CA SER A 42 7.08 -8.81 -9.93
C SER A 42 5.56 -8.65 -9.81
N HIS A 43 5.06 -8.63 -8.60
CA HIS A 43 3.59 -8.48 -8.40
C HIS A 43 3.16 -7.06 -8.73
N SER A 44 2.43 -6.89 -9.81
CA SER A 44 1.95 -5.52 -10.18
C SER A 44 0.55 -5.35 -9.61
N THR A 45 0.38 -5.66 -8.35
CA THR A 45 -0.96 -5.55 -7.73
C THR A 45 -0.84 -5.06 -6.28
N CYS A 46 -1.95 -4.99 -5.61
CA CYS A 46 -1.98 -4.53 -4.20
C CYS A 46 -1.30 -5.60 -3.31
N PRO A 47 -0.46 -5.17 -2.40
CA PRO A 47 0.27 -6.07 -1.50
C PRO A 47 -0.58 -6.66 -0.40
N LEU A 48 -1.64 -6.03 -0.01
CA LEU A 48 -2.40 -6.62 1.11
C LEU A 48 -3.52 -7.53 0.62
N CYS A 49 -4.21 -7.16 -0.43
CA CYS A 49 -5.29 -8.05 -0.92
C CYS A 49 -4.85 -8.70 -2.24
N ARG A 50 -4.27 -7.92 -3.13
CA ARG A 50 -3.76 -8.44 -4.45
C ARG A 50 -4.74 -8.07 -5.55
N LEU A 51 -5.34 -6.92 -5.43
CA LEU A 51 -6.28 -6.45 -6.45
C LEU A 51 -5.49 -5.62 -7.47
N THR A 52 -5.11 -6.20 -8.56
CA THR A 52 -4.32 -5.45 -9.58
C THR A 52 -4.89 -4.04 -9.75
N VAL A 53 -4.08 -3.12 -10.18
CA VAL A 53 -4.56 -1.72 -10.37
C VAL A 53 -4.85 -1.48 -11.86
N VAL A 54 -4.16 -2.17 -12.73
CA VAL A 54 -4.39 -1.97 -14.18
C VAL A 54 -5.65 -2.73 -14.60
N VAL A 55 -6.33 -2.27 -15.61
CA VAL A 55 -7.57 -2.96 -16.07
C VAL A 55 -7.27 -3.71 -17.37
N ALA A 1 -7.55 -2.94 18.14
CA ALA A 1 -6.42 -2.77 19.11
C ALA A 1 -6.15 -1.28 19.30
N MET A 2 -5.69 -0.61 18.27
CA MET A 2 -5.39 0.84 18.39
C MET A 2 -5.79 1.55 17.09
N ASP A 3 -5.50 2.82 17.00
CA ASP A 3 -5.87 3.57 15.76
C ASP A 3 -5.08 3.00 14.57
N ASP A 4 -5.75 2.30 13.69
CA ASP A 4 -5.04 1.74 12.51
C ASP A 4 -5.88 1.96 11.25
N GLY A 5 -6.13 3.19 10.91
CA GLY A 5 -6.94 3.48 9.69
C GLY A 5 -6.26 2.88 8.45
N VAL A 6 -5.18 3.47 8.03
CA VAL A 6 -4.47 2.93 6.83
C VAL A 6 -3.05 2.51 7.21
N GLU A 7 -2.75 1.24 7.17
CA GLU A 7 -1.39 0.79 7.53
C GLU A 7 -0.74 0.05 6.36
N CYS A 8 0.38 0.55 5.91
CA CYS A 8 1.09 -0.11 4.79
C CYS A 8 1.59 -1.47 5.30
N ALA A 9 1.02 -2.54 4.82
CA ALA A 9 1.41 -3.90 5.29
C ALA A 9 2.84 -4.25 4.86
N VAL A 10 3.47 -3.39 4.12
CA VAL A 10 4.86 -3.70 3.68
C VAL A 10 5.84 -3.38 4.82
N CYS A 11 5.95 -2.12 5.19
CA CYS A 11 6.88 -1.77 6.30
C CYS A 11 6.11 -1.74 7.62
N LEU A 12 4.83 -1.43 7.56
CA LEU A 12 4.01 -1.38 8.80
C LEU A 12 4.36 -0.12 9.59
N ALA A 13 4.53 1.00 8.92
CA ALA A 13 4.87 2.26 9.63
C ALA A 13 3.73 3.26 9.42
N GLU A 14 3.21 3.80 10.49
CA GLU A 14 2.11 4.80 10.36
C GLU A 14 2.46 5.80 9.26
N LEU A 15 1.64 5.91 8.26
CA LEU A 15 1.94 6.88 7.16
C LEU A 15 2.06 8.29 7.72
N GLU A 16 3.26 8.81 7.81
CA GLU A 16 3.45 10.18 8.36
C GLU A 16 3.46 11.19 7.20
N ASP A 17 3.36 12.45 7.52
CA ASP A 17 3.37 13.49 6.45
C ASP A 17 4.73 13.47 5.73
N GLY A 18 4.75 13.81 4.47
CA GLY A 18 6.03 13.82 3.73
C GLY A 18 6.18 12.52 2.93
N GLU A 19 5.22 11.64 3.03
CA GLU A 19 5.30 10.36 2.27
C GLU A 19 4.25 10.35 1.16
N GLU A 20 4.42 9.50 0.18
CA GLU A 20 3.44 9.44 -0.94
C GLU A 20 2.86 8.02 -1.03
N ALA A 21 1.92 7.70 -0.18
CA ALA A 21 1.32 6.33 -0.22
C ALA A 21 0.48 6.17 -1.49
N ARG A 22 0.47 5.00 -2.05
CA ARG A 22 -0.32 4.77 -3.30
C ARG A 22 -1.53 3.90 -2.98
N PHE A 23 -2.72 4.37 -3.27
CA PHE A 23 -3.94 3.56 -3.00
C PHE A 23 -4.43 2.93 -4.31
N LEU A 24 -5.02 1.76 -4.25
CA LEU A 24 -5.51 1.12 -5.50
C LEU A 24 -7.03 1.33 -5.63
N PRO A 25 -7.52 1.20 -6.84
CA PRO A 25 -8.95 1.39 -7.15
C PRO A 25 -9.80 0.17 -6.76
N ARG A 26 -9.33 -1.02 -7.03
CA ARG A 26 -10.14 -2.22 -6.69
C ARG A 26 -10.55 -2.19 -5.21
N CYS A 27 -9.62 -1.88 -4.38
CA CYS A 27 -9.89 -1.89 -2.91
C CYS A 27 -9.65 -0.52 -2.27
N GLY A 28 -8.51 0.06 -2.50
CA GLY A 28 -8.21 1.37 -1.88
C GLY A 28 -7.11 1.19 -0.82
N HIS A 29 -6.64 -0.02 -0.62
CA HIS A 29 -5.57 -0.23 0.38
C HIS A 29 -4.46 0.77 0.09
N GLY A 30 -4.13 1.63 1.01
CA GLY A 30 -3.07 2.63 0.75
C GLY A 30 -1.72 2.15 1.31
N PHE A 31 -0.75 2.01 0.45
CA PHE A 31 0.59 1.56 0.90
C PHE A 31 1.57 2.72 0.67
N HIS A 32 2.83 2.49 0.82
CA HIS A 32 3.80 3.60 0.62
C HIS A 32 4.23 3.65 -0.84
N ALA A 33 4.70 4.77 -1.30
CA ALA A 33 5.16 4.83 -2.70
C ALA A 33 6.49 4.08 -2.75
N GLU A 34 7.19 4.06 -1.64
CA GLU A 34 8.50 3.35 -1.58
C GLU A 34 8.27 1.86 -1.29
N CYS A 35 7.54 1.54 -0.26
CA CYS A 35 7.30 0.09 0.03
C CYS A 35 6.50 -0.52 -1.12
N VAL A 36 5.51 0.17 -1.59
CA VAL A 36 4.69 -0.38 -2.71
C VAL A 36 5.60 -0.66 -3.91
N ASP A 37 6.62 0.15 -4.10
CA ASP A 37 7.53 -0.06 -5.26
C ASP A 37 8.38 -1.32 -5.01
N MET A 38 9.00 -1.40 -3.86
CA MET A 38 9.83 -2.60 -3.55
C MET A 38 8.93 -3.84 -3.55
N TRP A 39 7.66 -3.65 -3.32
CA TRP A 39 6.72 -4.80 -3.31
C TRP A 39 6.36 -5.16 -4.74
N LEU A 40 6.47 -4.23 -5.64
CA LEU A 40 6.15 -4.54 -7.05
C LEU A 40 6.95 -5.77 -7.42
N GLY A 41 8.25 -5.66 -7.36
CA GLY A 41 9.17 -6.82 -7.65
C GLY A 41 8.45 -7.92 -8.42
N SER A 42 7.96 -7.63 -9.60
CA SER A 42 7.22 -8.65 -10.42
C SER A 42 5.72 -8.54 -10.14
N HIS A 43 5.33 -8.60 -8.89
CA HIS A 43 3.88 -8.48 -8.56
C HIS A 43 3.45 -7.03 -8.80
N SER A 44 2.64 -6.82 -9.81
CA SER A 44 2.16 -5.43 -10.09
C SER A 44 0.74 -5.30 -9.57
N THR A 45 0.54 -5.64 -8.34
CA THR A 45 -0.83 -5.56 -7.75
C THR A 45 -0.75 -5.11 -6.29
N CYS A 46 -1.87 -5.08 -5.65
CA CYS A 46 -1.94 -4.66 -4.22
C CYS A 46 -1.24 -5.75 -3.37
N PRO A 47 -0.37 -5.33 -2.48
CA PRO A 47 0.39 -6.26 -1.64
C PRO A 47 -0.42 -6.90 -0.52
N LEU A 48 -1.47 -6.27 -0.07
CA LEU A 48 -2.19 -6.89 1.06
C LEU A 48 -3.34 -7.77 0.57
N CYS A 49 -4.07 -7.36 -0.43
CA CYS A 49 -5.18 -8.22 -0.91
C CYS A 49 -4.78 -8.86 -2.25
N ARG A 50 -4.20 -8.08 -3.13
CA ARG A 50 -3.73 -8.59 -4.47
C ARG A 50 -4.73 -8.20 -5.55
N LEU A 51 -5.29 -7.04 -5.41
CA LEU A 51 -6.24 -6.54 -6.42
C LEU A 51 -5.46 -5.63 -7.37
N THR A 52 -5.09 -6.14 -8.52
CA THR A 52 -4.32 -5.31 -9.49
C THR A 52 -4.88 -3.89 -9.55
N VAL A 53 -4.06 -2.95 -9.91
CA VAL A 53 -4.55 -1.54 -9.98
C VAL A 53 -5.29 -1.31 -11.31
N VAL A 54 -5.00 -2.12 -12.30
CA VAL A 54 -5.69 -1.96 -13.61
C VAL A 54 -6.77 -3.02 -13.75
N VAL A 55 -7.99 -2.62 -13.98
CA VAL A 55 -9.10 -3.61 -14.12
C VAL A 55 -9.29 -3.96 -15.60
N ALA A 1 -9.91 4.12 21.45
CA ALA A 1 -10.53 5.35 20.88
C ALA A 1 -9.46 6.17 20.16
N MET A 2 -8.50 5.52 19.55
CA MET A 2 -7.44 6.26 18.83
C MET A 2 -7.42 5.85 17.35
N ASP A 3 -6.86 6.66 16.50
CA ASP A 3 -6.81 6.31 15.06
C ASP A 3 -6.05 5.00 14.87
N ASP A 4 -6.53 4.13 14.02
CA ASP A 4 -5.83 2.84 13.79
C ASP A 4 -6.52 2.07 12.67
N GLY A 5 -5.81 1.21 11.99
CA GLY A 5 -6.43 0.44 10.88
C GLY A 5 -5.48 0.42 9.68
N VAL A 6 -5.29 1.55 9.04
CA VAL A 6 -4.37 1.60 7.87
C VAL A 6 -2.96 1.17 8.30
N GLU A 7 -2.43 0.14 7.68
CA GLU A 7 -1.07 -0.31 8.07
C GLU A 7 -0.29 -0.78 6.83
N CYS A 8 0.84 -0.18 6.60
CA CYS A 8 1.67 -0.59 5.44
C CYS A 8 2.03 -2.07 5.58
N ALA A 9 1.49 -2.90 4.75
CA ALA A 9 1.80 -4.36 4.87
C ALA A 9 3.28 -4.59 4.58
N VAL A 10 3.98 -3.60 4.11
CA VAL A 10 5.42 -3.79 3.80
C VAL A 10 6.29 -3.25 4.95
N CYS A 11 6.30 -1.96 5.19
CA CYS A 11 7.17 -1.45 6.30
C CYS A 11 6.35 -1.35 7.59
N LEU A 12 5.05 -1.43 7.49
CA LEU A 12 4.21 -1.34 8.72
C LEU A 12 4.46 0.02 9.40
N ALA A 13 4.61 1.05 8.63
CA ALA A 13 4.86 2.39 9.24
C ALA A 13 3.60 3.26 9.11
N GLU A 14 3.17 3.86 10.18
CA GLU A 14 1.95 4.71 10.12
C GLU A 14 2.04 5.63 8.89
N LEU A 15 0.98 5.71 8.13
CA LEU A 15 0.99 6.59 6.92
C LEU A 15 0.87 8.04 7.36
N GLU A 16 1.97 8.75 7.44
CA GLU A 16 1.90 10.18 7.85
C GLU A 16 2.24 11.07 6.66
N ASP A 17 2.10 12.36 6.82
CA ASP A 17 2.41 13.28 5.69
C ASP A 17 3.92 13.27 5.42
N GLY A 18 4.33 13.69 4.26
CA GLY A 18 5.79 13.69 3.94
C GLY A 18 6.14 12.47 3.09
N GLU A 19 5.23 11.54 2.96
CA GLU A 19 5.50 10.33 2.15
C GLU A 19 4.58 10.30 0.95
N GLU A 20 4.84 9.46 -0.01
CA GLU A 20 3.97 9.39 -1.22
C GLU A 20 3.28 8.02 -1.27
N ALA A 21 2.31 7.81 -0.41
CA ALA A 21 1.60 6.50 -0.41
C ALA A 21 0.78 6.36 -1.69
N ARG A 22 0.67 5.17 -2.20
CA ARG A 22 -0.12 4.96 -3.44
C ARG A 22 -1.42 4.21 -3.12
N PHE A 23 -2.54 4.78 -3.44
CA PHE A 23 -3.84 4.12 -3.15
C PHE A 23 -4.30 3.36 -4.41
N LEU A 24 -4.98 2.25 -4.24
CA LEU A 24 -5.43 1.48 -5.45
C LEU A 24 -6.94 1.70 -5.67
N PRO A 25 -7.36 1.45 -6.88
CA PRO A 25 -8.77 1.62 -7.29
C PRO A 25 -9.65 0.45 -6.83
N ARG A 26 -9.22 -0.77 -7.05
CA ARG A 26 -10.06 -1.93 -6.65
C ARG A 26 -10.45 -1.83 -5.18
N CYS A 27 -9.50 -1.52 -4.35
CA CYS A 27 -9.78 -1.47 -2.89
C CYS A 27 -9.51 -0.09 -2.30
N GLY A 28 -8.35 0.45 -2.52
CA GLY A 28 -8.03 1.78 -1.94
C GLY A 28 -6.96 1.60 -0.86
N HIS A 29 -6.51 0.39 -0.64
CA HIS A 29 -5.45 0.17 0.39
C HIS A 29 -4.32 1.14 0.09
N GLY A 30 -4.01 2.02 1.00
CA GLY A 30 -2.93 3.02 0.71
C GLY A 30 -1.59 2.52 1.28
N PHE A 31 -0.66 2.24 0.41
CA PHE A 31 0.68 1.78 0.85
C PHE A 31 1.67 2.90 0.58
N HIS A 32 2.93 2.65 0.73
CA HIS A 32 3.93 3.73 0.48
C HIS A 32 4.37 3.70 -0.98
N ALA A 33 4.89 4.78 -1.48
CA ALA A 33 5.35 4.77 -2.89
C ALA A 33 6.66 3.98 -2.91
N GLU A 34 7.36 3.99 -1.81
CA GLU A 34 8.65 3.25 -1.71
C GLU A 34 8.39 1.78 -1.37
N CYS A 35 7.61 1.51 -0.35
CA CYS A 35 7.34 0.10 0.02
C CYS A 35 6.50 -0.55 -1.09
N VAL A 36 5.52 0.15 -1.58
CA VAL A 36 4.67 -0.43 -2.65
C VAL A 36 5.55 -0.77 -3.87
N ASP A 37 6.53 0.05 -4.14
CA ASP A 37 7.42 -0.22 -5.32
C ASP A 37 8.27 -1.46 -5.04
N MET A 38 8.90 -1.52 -3.89
CA MET A 38 9.74 -2.70 -3.57
C MET A 38 8.85 -3.93 -3.49
N TRP A 39 7.58 -3.73 -3.23
CA TRP A 39 6.64 -4.88 -3.15
C TRP A 39 6.25 -5.31 -4.55
N LEU A 40 6.38 -4.44 -5.50
CA LEU A 40 6.02 -4.80 -6.88
C LEU A 40 6.99 -5.89 -7.33
N GLY A 41 8.22 -5.51 -7.54
CA GLY A 41 9.29 -6.48 -7.95
C GLY A 41 8.70 -7.77 -8.52
N SER A 42 7.72 -7.66 -9.41
CA SER A 42 7.05 -8.85 -10.03
C SER A 42 5.53 -8.69 -9.84
N HIS A 43 5.07 -8.69 -8.63
CA HIS A 43 3.61 -8.54 -8.40
C HIS A 43 3.19 -7.10 -8.71
N SER A 44 2.44 -6.92 -9.76
CA SER A 44 1.98 -5.54 -10.11
C SER A 44 0.58 -5.37 -9.53
N THR A 45 0.42 -5.67 -8.28
CA THR A 45 -0.92 -5.57 -7.64
C THR A 45 -0.79 -5.07 -6.20
N CYS A 46 -1.90 -5.01 -5.52
CA CYS A 46 -1.93 -4.56 -4.11
C CYS A 46 -1.27 -5.64 -3.24
N PRO A 47 -0.42 -5.23 -2.33
CA PRO A 47 0.31 -6.16 -1.45
C PRO A 47 -0.55 -6.75 -0.34
N LEU A 48 -1.53 -6.05 0.14
CA LEU A 48 -2.29 -6.64 1.27
C LEU A 48 -3.47 -7.49 0.79
N CYS A 49 -4.16 -7.07 -0.24
CA CYS A 49 -5.30 -7.90 -0.71
C CYS A 49 -4.90 -8.59 -2.03
N ARG A 50 -4.30 -7.85 -2.94
CA ARG A 50 -3.84 -8.42 -4.26
C ARG A 50 -4.83 -8.03 -5.34
N LEU A 51 -5.34 -6.86 -5.25
CA LEU A 51 -6.29 -6.36 -6.27
C LEU A 51 -5.48 -5.55 -7.28
N THR A 52 -5.18 -6.12 -8.42
CA THR A 52 -4.39 -5.36 -9.45
C THR A 52 -4.87 -3.92 -9.55
N VAL A 53 -4.02 -3.04 -9.98
CA VAL A 53 -4.42 -1.61 -10.10
C VAL A 53 -4.78 -1.31 -11.56
N VAL A 54 -4.02 -1.85 -12.48
CA VAL A 54 -4.31 -1.59 -13.91
C VAL A 54 -5.49 -2.45 -14.35
N VAL A 55 -6.06 -2.16 -15.50
CA VAL A 55 -7.22 -2.96 -15.99
C VAL A 55 -6.70 -4.23 -16.66
N ALA A 1 -3.23 0.40 21.18
CA ALA A 1 -2.89 -1.00 20.80
C ALA A 1 -2.55 -1.05 19.31
N MET A 2 -3.52 -1.28 18.47
CA MET A 2 -3.26 -1.34 17.01
C MET A 2 -4.56 -1.58 16.26
N ASP A 3 -5.36 -0.56 16.08
CA ASP A 3 -6.66 -0.74 15.36
C ASP A 3 -6.38 -1.16 13.91
N ASP A 4 -7.40 -1.48 13.18
CA ASP A 4 -7.20 -1.90 11.76
C ASP A 4 -7.50 -0.71 10.84
N GLY A 5 -6.51 0.07 10.52
CA GLY A 5 -6.73 1.24 9.62
C GLY A 5 -5.85 1.11 8.38
N VAL A 6 -5.35 2.20 7.88
CA VAL A 6 -4.49 2.13 6.66
C VAL A 6 -3.05 1.82 7.08
N GLU A 7 -2.67 0.57 7.00
CA GLU A 7 -1.28 0.20 7.39
C GLU A 7 -0.48 -0.25 6.17
N CYS A 8 0.80 -0.03 6.20
CA CYS A 8 1.66 -0.44 5.06
C CYS A 8 1.96 -1.94 5.18
N ALA A 9 1.42 -2.74 4.31
CA ALA A 9 1.68 -4.20 4.40
C ALA A 9 3.16 -4.48 4.12
N VAL A 10 3.89 -3.49 3.69
CA VAL A 10 5.34 -3.70 3.40
C VAL A 10 6.21 -3.25 4.57
N CYS A 11 6.25 -1.97 4.87
CA CYS A 11 7.10 -1.52 6.01
C CYS A 11 6.27 -1.42 7.29
N LEU A 12 4.98 -1.46 7.17
CA LEU A 12 4.11 -1.37 8.39
C LEU A 12 4.40 -0.06 9.12
N ALA A 13 4.60 1.00 8.39
CA ALA A 13 4.90 2.31 9.03
C ALA A 13 3.64 3.18 9.04
N GLU A 14 3.23 3.65 10.18
CA GLU A 14 2.01 4.50 10.24
C GLU A 14 2.05 5.54 9.12
N LEU A 15 1.14 5.46 8.20
CA LEU A 15 1.13 6.45 7.07
C LEU A 15 1.00 7.86 7.63
N GLU A 16 2.10 8.55 7.76
CA GLU A 16 2.04 9.95 8.30
C GLU A 16 2.47 10.94 7.21
N ASP A 17 2.15 12.19 7.38
CA ASP A 17 2.54 13.20 6.35
C ASP A 17 4.05 13.16 6.14
N GLY A 18 4.50 13.43 4.94
CA GLY A 18 5.96 13.41 4.67
C GLY A 18 6.30 12.22 3.76
N GLU A 19 5.31 11.52 3.30
CA GLU A 19 5.58 10.35 2.41
C GLU A 19 4.63 10.38 1.21
N GLU A 20 4.86 9.53 0.24
CA GLU A 20 3.98 9.51 -0.96
C GLU A 20 3.29 8.15 -1.06
N ALA A 21 2.25 7.94 -0.29
CA ALA A 21 1.54 6.63 -0.35
C ALA A 21 0.67 6.55 -1.60
N ARG A 22 0.49 5.37 -2.12
CA ARG A 22 -0.34 5.23 -3.35
C ARG A 22 -1.59 4.40 -3.04
N PHE A 23 -2.75 4.94 -3.27
CA PHE A 23 -4.01 4.20 -2.99
C PHE A 23 -4.43 3.41 -4.24
N LEU A 24 -5.03 2.27 -4.09
CA LEU A 24 -5.43 1.48 -5.29
C LEU A 24 -6.93 1.68 -5.58
N PRO A 25 -7.30 1.41 -6.80
CA PRO A 25 -8.70 1.56 -7.27
C PRO A 25 -9.58 0.39 -6.83
N ARG A 26 -9.11 -0.82 -6.99
CA ARG A 26 -9.95 -2.00 -6.59
C ARG A 26 -10.36 -1.90 -5.13
N CYS A 27 -9.43 -1.59 -4.28
CA CYS A 27 -9.74 -1.53 -2.83
C CYS A 27 -9.47 -0.15 -2.24
N GLY A 28 -8.31 0.41 -2.48
CA GLY A 28 -8.00 1.74 -1.90
C GLY A 28 -6.94 1.56 -0.82
N HIS A 29 -6.51 0.34 -0.56
CA HIS A 29 -5.47 0.13 0.48
C HIS A 29 -4.33 1.11 0.19
N GLY A 30 -4.02 1.98 1.10
CA GLY A 30 -2.95 2.97 0.83
C GLY A 30 -1.60 2.46 1.35
N PHE A 31 -0.65 2.33 0.46
CA PHE A 31 0.71 1.87 0.87
C PHE A 31 1.69 3.00 0.57
N HIS A 32 2.96 2.77 0.67
CA HIS A 32 3.93 3.86 0.40
C HIS A 32 4.30 3.86 -1.07
N ALA A 33 4.80 4.95 -1.58
CA ALA A 33 5.20 4.96 -3.00
C ALA A 33 6.50 4.17 -3.11
N GLU A 34 7.26 4.17 -2.04
CA GLU A 34 8.55 3.42 -2.04
C GLU A 34 8.29 1.95 -1.68
N CYS A 35 7.60 1.68 -0.59
CA CYS A 35 7.35 0.25 -0.24
C CYS A 35 6.48 -0.38 -1.31
N VAL A 36 5.51 0.33 -1.80
CA VAL A 36 4.62 -0.24 -2.85
C VAL A 36 5.46 -0.61 -4.09
N ASP A 37 6.54 0.09 -4.31
CA ASP A 37 7.39 -0.21 -5.49
C ASP A 37 8.25 -1.45 -5.20
N MET A 38 8.91 -1.46 -4.08
CA MET A 38 9.75 -2.63 -3.71
C MET A 38 8.85 -3.85 -3.55
N TRP A 39 7.59 -3.63 -3.28
CA TRP A 39 6.66 -4.77 -3.11
C TRP A 39 6.25 -5.30 -4.47
N LEU A 40 6.36 -4.48 -5.48
CA LEU A 40 5.99 -4.96 -6.83
C LEU A 40 7.01 -6.00 -7.26
N GLY A 41 8.20 -5.55 -7.57
CA GLY A 41 9.33 -6.47 -7.97
C GLY A 41 8.80 -7.83 -8.43
N SER A 42 7.73 -7.84 -9.20
CA SER A 42 7.11 -9.11 -9.69
C SER A 42 5.59 -9.00 -9.52
N HIS A 43 5.12 -8.92 -8.30
CA HIS A 43 3.65 -8.80 -8.09
C HIS A 43 3.19 -7.40 -8.49
N SER A 44 2.44 -7.29 -9.55
CA SER A 44 1.95 -5.95 -9.98
C SER A 44 0.56 -5.76 -9.41
N THR A 45 0.41 -5.98 -8.13
CA THR A 45 -0.93 -5.84 -7.51
C THR A 45 -0.80 -5.26 -6.10
N CYS A 46 -1.90 -5.15 -5.42
CA CYS A 46 -1.92 -4.61 -4.03
C CYS A 46 -1.24 -5.62 -3.10
N PRO A 47 -0.39 -5.13 -2.23
CA PRO A 47 0.37 -5.99 -1.30
C PRO A 47 -0.48 -6.52 -0.14
N LEU A 48 -1.56 -5.89 0.20
CA LEU A 48 -2.30 -6.43 1.36
C LEU A 48 -3.44 -7.34 0.92
N CYS A 49 -4.15 -7.00 -0.12
CA CYS A 49 -5.25 -7.90 -0.57
C CYS A 49 -4.82 -8.61 -1.87
N ARG A 50 -4.25 -7.87 -2.80
CA ARG A 50 -3.77 -8.44 -4.10
C ARG A 50 -4.74 -8.11 -5.21
N LEU A 51 -5.34 -6.96 -5.12
CA LEU A 51 -6.27 -6.51 -6.16
C LEU A 51 -5.47 -5.74 -7.21
N THR A 52 -5.19 -6.35 -8.34
CA THR A 52 -4.38 -5.65 -9.38
C THR A 52 -4.83 -4.19 -9.51
N VAL A 53 -3.96 -3.34 -9.99
CA VAL A 53 -4.33 -1.91 -10.15
C VAL A 53 -4.39 -1.56 -11.63
N VAL A 54 -3.60 -2.23 -12.45
CA VAL A 54 -3.62 -1.94 -13.90
C VAL A 54 -4.14 -3.16 -14.66
N VAL A 55 -5.34 -3.08 -15.18
CA VAL A 55 -5.90 -4.24 -15.93
C VAL A 55 -5.62 -4.06 -17.42
N ALA A 1 -1.62 -0.38 22.61
CA ALA A 1 -1.97 -1.60 21.82
C ALA A 1 -3.21 -1.31 20.98
N MET A 2 -3.28 -1.88 19.81
CA MET A 2 -4.47 -1.64 18.94
C MET A 2 -4.42 -0.21 18.39
N ASP A 3 -3.69 0.01 17.34
CA ASP A 3 -3.61 1.38 16.76
C ASP A 3 -4.74 1.58 15.76
N ASP A 4 -4.81 2.74 15.15
CA ASP A 4 -5.90 3.00 14.17
C ASP A 4 -5.30 3.63 12.91
N GLY A 5 -5.86 3.34 11.76
CA GLY A 5 -5.32 3.92 10.50
C GLY A 5 -4.79 2.80 9.61
N VAL A 6 -4.65 3.06 8.34
CA VAL A 6 -4.15 2.02 7.41
C VAL A 6 -2.73 1.60 7.83
N GLU A 7 -2.41 0.35 7.68
CA GLU A 7 -1.05 -0.12 8.08
C GLU A 7 -0.29 -0.61 6.85
N CYS A 8 0.86 -0.05 6.59
CA CYS A 8 1.68 -0.48 5.43
C CYS A 8 2.04 -1.96 5.60
N ALA A 9 1.51 -2.81 4.76
CA ALA A 9 1.81 -4.26 4.88
C ALA A 9 3.29 -4.50 4.57
N VAL A 10 3.98 -3.50 4.09
CA VAL A 10 5.42 -3.70 3.76
C VAL A 10 6.31 -3.17 4.89
N CYS A 11 6.32 -1.88 5.13
CA CYS A 11 7.19 -1.36 6.23
C CYS A 11 6.38 -1.25 7.54
N LEU A 12 5.08 -1.31 7.45
CA LEU A 12 4.26 -1.21 8.69
C LEU A 12 4.58 0.08 9.42
N ALA A 13 4.75 1.15 8.69
CA ALA A 13 5.07 2.45 9.34
C ALA A 13 3.83 3.35 9.32
N GLU A 14 3.45 3.87 10.46
CA GLU A 14 2.25 4.75 10.51
C GLU A 14 2.31 5.75 9.36
N LEU A 15 1.35 5.70 8.47
CA LEU A 15 1.35 6.65 7.33
C LEU A 15 1.28 8.08 7.85
N GLU A 16 2.40 8.75 7.96
CA GLU A 16 2.39 10.15 8.47
C GLU A 16 2.81 11.10 7.34
N ASP A 17 2.46 12.35 7.45
CA ASP A 17 2.82 13.32 6.39
C ASP A 17 4.33 13.26 6.13
N GLY A 18 4.74 13.49 4.91
CA GLY A 18 6.20 13.43 4.59
C GLY A 18 6.46 12.32 3.58
N GLU A 19 5.46 11.55 3.25
CA GLU A 19 5.65 10.44 2.26
C GLU A 19 4.57 10.52 1.18
N GLU A 20 4.61 9.62 0.24
CA GLU A 20 3.58 9.64 -0.84
C GLU A 20 2.98 8.24 -1.00
N ALA A 21 2.07 7.88 -0.15
CA ALA A 21 1.44 6.54 -0.24
C ALA A 21 0.55 6.48 -1.49
N ARG A 22 0.53 5.35 -2.15
CA ARG A 22 -0.31 5.23 -3.38
C ARG A 22 -1.51 4.33 -3.09
N PHE A 23 -2.70 4.83 -3.29
CA PHE A 23 -3.92 4.00 -3.04
C PHE A 23 -4.36 3.36 -4.36
N LEU A 24 -4.90 2.18 -4.33
CA LEU A 24 -5.33 1.54 -5.62
C LEU A 24 -6.83 1.78 -5.86
N PRO A 25 -7.19 1.80 -7.12
CA PRO A 25 -8.58 2.04 -7.55
C PRO A 25 -9.45 0.78 -7.42
N ARG A 26 -8.88 -0.31 -6.97
CA ARG A 26 -9.68 -1.55 -6.84
C ARG A 26 -10.25 -1.66 -5.44
N CYS A 27 -9.42 -1.44 -4.48
CA CYS A 27 -9.84 -1.57 -3.06
C CYS A 27 -9.68 -0.24 -2.33
N GLY A 28 -8.54 0.37 -2.45
CA GLY A 28 -8.30 1.66 -1.75
C GLY A 28 -7.24 1.45 -0.68
N HIS A 29 -6.63 0.29 -0.62
CA HIS A 29 -5.57 0.07 0.39
C HIS A 29 -4.43 1.03 0.08
N GLY A 30 -4.11 1.89 1.00
CA GLY A 30 -3.04 2.88 0.73
C GLY A 30 -1.69 2.39 1.26
N PHE A 31 -0.74 2.24 0.39
CA PHE A 31 0.62 1.78 0.82
C PHE A 31 1.60 2.91 0.52
N HIS A 32 2.86 2.70 0.72
CA HIS A 32 3.84 3.79 0.45
C HIS A 32 4.23 3.80 -1.02
N ALA A 33 4.74 4.89 -1.50
CA ALA A 33 5.16 4.91 -2.92
C ALA A 33 6.46 4.12 -3.00
N GLU A 34 7.20 4.10 -1.91
CA GLU A 34 8.48 3.34 -1.87
C GLU A 34 8.21 1.88 -1.52
N CYS A 35 7.48 1.62 -0.46
CA CYS A 35 7.22 0.20 -0.10
C CYS A 35 6.36 -0.45 -1.17
N VAL A 36 5.43 0.28 -1.71
CA VAL A 36 4.54 -0.29 -2.77
C VAL A 36 5.38 -0.62 -4.02
N ASP A 37 6.41 0.14 -4.28
CA ASP A 37 7.27 -0.14 -5.47
C ASP A 37 8.15 -1.35 -5.20
N MET A 38 8.83 -1.36 -4.09
CA MET A 38 9.70 -2.52 -3.76
C MET A 38 8.81 -3.75 -3.54
N TRP A 39 7.57 -3.53 -3.21
CA TRP A 39 6.65 -4.67 -2.98
C TRP A 39 6.22 -5.23 -4.33
N LEU A 40 6.34 -4.45 -5.37
CA LEU A 40 5.94 -4.96 -6.68
C LEU A 40 7.03 -5.89 -7.20
N GLY A 41 8.14 -5.33 -7.61
CA GLY A 41 9.29 -6.14 -8.11
C GLY A 41 8.80 -7.49 -8.66
N SER A 42 7.64 -7.50 -9.29
CA SER A 42 7.05 -8.76 -9.84
C SER A 42 5.53 -8.70 -9.69
N HIS A 43 5.05 -8.62 -8.46
CA HIS A 43 3.59 -8.54 -8.24
C HIS A 43 3.06 -7.17 -8.67
N SER A 44 2.30 -7.12 -9.72
CA SER A 44 1.73 -5.83 -10.18
C SER A 44 0.34 -5.69 -9.58
N THR A 45 0.22 -5.99 -8.32
CA THR A 45 -1.11 -5.92 -7.66
C THR A 45 -0.96 -5.28 -6.27
N CYS A 46 -2.06 -5.19 -5.57
CA CYS A 46 -2.07 -4.60 -4.21
C CYS A 46 -1.37 -5.57 -3.24
N PRO A 47 -0.53 -5.05 -2.38
CA PRO A 47 0.23 -5.87 -1.42
C PRO A 47 -0.61 -6.40 -0.27
N LEU A 48 -1.75 -5.84 0.01
CA LEU A 48 -2.50 -6.37 1.17
C LEU A 48 -3.63 -7.30 0.71
N CYS A 49 -4.32 -6.97 -0.34
CA CYS A 49 -5.41 -7.89 -0.80
C CYS A 49 -4.93 -8.59 -2.08
N ARG A 50 -4.35 -7.86 -3.00
CA ARG A 50 -3.80 -8.44 -4.27
C ARG A 50 -4.76 -8.26 -5.44
N LEU A 51 -5.51 -7.20 -5.45
CA LEU A 51 -6.41 -6.96 -6.59
C LEU A 51 -5.57 -6.37 -7.73
N THR A 52 -5.09 -7.19 -8.63
CA THR A 52 -4.25 -6.63 -9.73
C THR A 52 -4.92 -5.40 -10.31
N VAL A 53 -4.14 -4.44 -10.69
CA VAL A 53 -4.73 -3.19 -11.26
C VAL A 53 -4.44 -3.13 -12.76
N VAL A 54 -3.51 -3.92 -13.23
CA VAL A 54 -3.20 -3.91 -14.68
C VAL A 54 -3.63 -5.23 -15.30
N VAL A 55 -4.56 -5.20 -16.22
CA VAL A 55 -5.03 -6.46 -16.85
C VAL A 55 -4.11 -6.81 -18.03
N ALA A 1 -12.03 -5.13 19.45
CA ALA A 1 -12.45 -4.44 18.20
C ALA A 1 -12.11 -2.95 18.30
N MET A 2 -11.13 -2.51 17.57
CA MET A 2 -10.75 -1.07 17.62
C MET A 2 -10.68 -0.51 16.20
N ASP A 3 -11.11 0.71 16.01
CA ASP A 3 -11.06 1.32 14.65
C ASP A 3 -9.61 1.45 14.21
N ASP A 4 -9.20 0.67 13.24
CA ASP A 4 -7.79 0.75 12.77
C ASP A 4 -7.74 1.57 11.48
N GLY A 5 -6.61 2.14 11.16
CA GLY A 5 -6.50 2.95 9.93
C GLY A 5 -5.89 2.09 8.82
N VAL A 6 -4.91 2.60 8.12
CA VAL A 6 -4.28 1.81 7.03
C VAL A 6 -2.86 1.41 7.45
N GLU A 7 -2.58 0.14 7.52
CA GLU A 7 -1.22 -0.30 7.92
C GLU A 7 -0.43 -0.78 6.71
N CYS A 8 0.69 -0.16 6.46
CA CYS A 8 1.55 -0.57 5.30
C CYS A 8 1.88 -2.04 5.45
N ALA A 9 1.34 -2.88 4.60
CA ALA A 9 1.63 -4.34 4.69
C ALA A 9 3.11 -4.59 4.40
N VAL A 10 3.82 -3.58 3.96
CA VAL A 10 5.26 -3.78 3.64
C VAL A 10 6.14 -3.31 4.81
N CYS A 11 6.16 -2.03 5.10
CA CYS A 11 7.04 -1.57 6.22
C CYS A 11 6.23 -1.53 7.53
N LEU A 12 4.92 -1.53 7.44
CA LEU A 12 4.10 -1.50 8.68
C LEU A 12 4.41 -0.23 9.47
N ALA A 13 4.58 0.87 8.78
CA ALA A 13 4.89 2.14 9.49
C ALA A 13 3.71 3.11 9.35
N GLU A 14 3.26 3.66 10.43
CA GLU A 14 2.10 4.61 10.36
C GLU A 14 2.33 5.59 9.21
N LEU A 15 1.44 5.61 8.26
CA LEU A 15 1.61 6.54 7.10
C LEU A 15 1.67 7.98 7.62
N GLU A 16 2.86 8.49 7.81
CA GLU A 16 3.00 9.89 8.30
C GLU A 16 2.95 10.86 7.12
N ASP A 17 2.95 12.14 7.39
CA ASP A 17 2.91 13.13 6.28
C ASP A 17 4.31 13.30 5.70
N GLY A 18 4.42 13.93 4.56
CA GLY A 18 5.76 14.13 3.94
C GLY A 18 6.11 12.91 3.09
N GLU A 19 5.22 11.96 3.00
CA GLU A 19 5.51 10.75 2.17
C GLU A 19 4.59 10.74 0.94
N GLU A 20 4.68 9.71 0.15
CA GLU A 20 3.82 9.64 -1.07
C GLU A 20 3.19 8.25 -1.16
N ALA A 21 2.16 8.00 -0.39
CA ALA A 21 1.51 6.66 -0.44
C ALA A 21 0.78 6.49 -1.77
N ARG A 22 0.30 5.31 -2.04
CA ARG A 22 -0.42 5.06 -3.32
C ARG A 22 -1.65 4.20 -3.02
N PHE A 23 -2.82 4.66 -3.37
CA PHE A 23 -4.05 3.87 -3.10
C PHE A 23 -4.49 3.18 -4.39
N LEU A 24 -5.07 2.01 -4.31
CA LEU A 24 -5.52 1.31 -5.54
C LEU A 24 -7.03 1.52 -5.74
N PRO A 25 -7.48 1.34 -6.95
CA PRO A 25 -8.89 1.51 -7.31
C PRO A 25 -9.75 0.32 -6.87
N ARG A 26 -9.29 -0.89 -7.08
CA ARG A 26 -10.09 -2.07 -6.68
C ARG A 26 -10.50 -1.97 -5.22
N CYS A 27 -9.56 -1.63 -4.38
CA CYS A 27 -9.85 -1.58 -2.92
C CYS A 27 -9.60 -0.18 -2.34
N GLY A 28 -8.45 0.39 -2.59
CA GLY A 28 -8.16 1.72 -2.02
C GLY A 28 -7.06 1.56 -0.95
N HIS A 29 -6.65 0.35 -0.66
CA HIS A 29 -5.59 0.15 0.36
C HIS A 29 -4.45 1.13 0.05
N GLY A 30 -4.13 2.01 0.96
CA GLY A 30 -3.04 2.98 0.68
C GLY A 30 -1.71 2.46 1.25
N PHE A 31 -0.71 2.40 0.43
CA PHE A 31 0.63 1.91 0.87
C PHE A 31 1.63 3.03 0.64
N HIS A 32 2.90 2.76 0.76
CA HIS A 32 3.90 3.83 0.55
C HIS A 32 4.32 3.84 -0.91
N ALA A 33 4.80 4.94 -1.41
CA ALA A 33 5.26 4.94 -2.82
C ALA A 33 6.56 4.15 -2.87
N GLU A 34 7.27 4.14 -1.77
CA GLU A 34 8.55 3.40 -1.70
C GLU A 34 8.29 1.92 -1.38
N CYS A 35 7.56 1.63 -0.34
CA CYS A 35 7.29 0.20 -0.01
C CYS A 35 6.46 -0.41 -1.14
N VAL A 36 5.52 0.32 -1.64
CA VAL A 36 4.67 -0.22 -2.75
C VAL A 36 5.57 -0.53 -3.96
N ASP A 37 6.64 0.19 -4.13
CA ASP A 37 7.54 -0.07 -5.29
C ASP A 37 8.37 -1.33 -5.01
N MET A 38 8.99 -1.40 -3.87
CA MET A 38 9.80 -2.60 -3.54
C MET A 38 8.88 -3.81 -3.48
N TRP A 39 7.61 -3.58 -3.25
CA TRP A 39 6.64 -4.70 -3.18
C TRP A 39 6.26 -5.10 -4.61
N LEU A 40 6.40 -4.20 -5.53
CA LEU A 40 6.06 -4.55 -6.93
C LEU A 40 6.82 -5.82 -7.26
N GLY A 41 8.13 -5.74 -7.20
CA GLY A 41 9.01 -6.94 -7.46
C GLY A 41 8.25 -8.05 -8.21
N SER A 42 7.78 -7.77 -9.40
CA SER A 42 7.02 -8.79 -10.19
C SER A 42 5.53 -8.65 -9.88
N HIS A 43 5.16 -8.65 -8.63
CA HIS A 43 3.71 -8.49 -8.28
C HIS A 43 3.30 -7.05 -8.58
N SER A 44 2.48 -6.86 -9.58
CA SER A 44 2.02 -5.48 -9.92
C SER A 44 0.61 -5.31 -9.37
N THR A 45 0.40 -5.76 -8.18
CA THR A 45 -0.96 -5.67 -7.57
C THR A 45 -0.85 -5.11 -6.15
N CYS A 46 -1.96 -5.03 -5.49
CA CYS A 46 -2.00 -4.52 -4.09
C CYS A 46 -1.32 -5.54 -3.19
N PRO A 47 -0.45 -5.08 -2.32
CA PRO A 47 0.31 -5.97 -1.42
C PRO A 47 -0.51 -6.51 -0.27
N LEU A 48 -1.60 -5.89 0.09
CA LEU A 48 -2.33 -6.43 1.25
C LEU A 48 -3.48 -7.34 0.80
N CYS A 49 -4.19 -6.99 -0.23
CA CYS A 49 -5.29 -7.88 -0.67
C CYS A 49 -4.87 -8.59 -1.97
N ARG A 50 -4.31 -7.86 -2.91
CA ARG A 50 -3.82 -8.45 -4.21
C ARG A 50 -4.83 -8.16 -5.30
N LEU A 51 -5.32 -6.96 -5.30
CA LEU A 51 -6.29 -6.53 -6.34
C LEU A 51 -5.50 -5.83 -7.45
N THR A 52 -5.07 -6.57 -8.43
CA THR A 52 -4.27 -5.95 -9.54
C THR A 52 -4.85 -4.60 -9.93
N VAL A 53 -4.04 -3.73 -10.45
CA VAL A 53 -4.52 -2.38 -10.86
C VAL A 53 -4.37 -2.22 -12.36
N VAL A 54 -3.73 -3.14 -13.02
CA VAL A 54 -3.54 -3.03 -14.49
C VAL A 54 -4.42 -4.08 -15.19
N VAL A 55 -5.25 -3.65 -16.10
CA VAL A 55 -6.14 -4.61 -16.81
C VAL A 55 -5.86 -4.54 -18.32
N ALA A 1 -7.00 -4.50 13.97
CA ALA A 1 -5.79 -4.56 14.86
C ALA A 1 -5.86 -3.42 15.88
N MET A 2 -6.82 -3.47 16.76
CA MET A 2 -6.93 -2.40 17.78
C MET A 2 -7.06 -1.04 17.09
N ASP A 3 -7.04 0.02 17.83
CA ASP A 3 -7.16 1.37 17.20
C ASP A 3 -6.09 1.53 16.12
N ASP A 4 -6.48 1.71 14.89
CA ASP A 4 -5.48 1.86 13.80
C ASP A 4 -6.20 2.23 12.50
N GLY A 5 -5.47 2.69 11.52
CA GLY A 5 -6.12 3.06 10.22
C GLY A 5 -5.49 2.25 9.09
N VAL A 6 -4.94 2.93 8.11
CA VAL A 6 -4.30 2.20 6.98
C VAL A 6 -2.90 1.73 7.39
N GLU A 7 -2.67 0.44 7.39
CA GLU A 7 -1.33 -0.06 7.79
C GLU A 7 -0.56 -0.53 6.55
N CYS A 8 0.67 -0.14 6.45
CA CYS A 8 1.52 -0.56 5.29
C CYS A 8 1.80 -2.06 5.41
N ALA A 9 1.27 -2.84 4.53
CA ALA A 9 1.51 -4.31 4.60
C ALA A 9 2.99 -4.59 4.32
N VAL A 10 3.73 -3.59 3.89
CA VAL A 10 5.16 -3.81 3.59
C VAL A 10 6.04 -3.35 4.76
N CYS A 11 6.09 -2.08 5.08
CA CYS A 11 6.95 -1.64 6.21
C CYS A 11 6.12 -1.58 7.50
N LEU A 12 4.81 -1.63 7.39
CA LEU A 12 3.96 -1.59 8.62
C LEU A 12 4.31 -0.34 9.42
N ALA A 13 4.53 0.76 8.76
CA ALA A 13 4.87 2.01 9.48
C ALA A 13 3.70 3.00 9.36
N GLU A 14 3.28 3.56 10.46
CA GLU A 14 2.14 4.53 10.40
C GLU A 14 2.35 5.51 9.24
N LEU A 15 1.45 5.53 8.30
CA LEU A 15 1.60 6.45 7.15
C LEU A 15 1.69 7.89 7.65
N GLU A 16 2.88 8.40 7.82
CA GLU A 16 3.04 9.81 8.32
C GLU A 16 3.01 10.77 7.12
N ASP A 17 2.75 12.02 7.37
CA ASP A 17 2.72 13.00 6.24
C ASP A 17 4.16 13.31 5.79
N GLY A 18 4.37 13.44 4.51
CA GLY A 18 5.73 13.74 4.00
C GLY A 18 6.12 12.71 2.95
N GLU A 19 5.40 11.62 2.87
CA GLU A 19 5.72 10.57 1.85
C GLU A 19 4.63 10.55 0.78
N GLU A 20 4.73 9.65 -0.16
CA GLU A 20 3.70 9.59 -1.23
C GLU A 20 3.06 8.19 -1.24
N ALA A 21 2.11 7.95 -0.39
CA ALA A 21 1.46 6.61 -0.36
C ALA A 21 0.63 6.42 -1.62
N ARG A 22 0.59 5.22 -2.14
CA ARG A 22 -0.20 4.96 -3.38
C ARG A 22 -1.44 4.12 -3.04
N PHE A 23 -2.60 4.61 -3.35
CA PHE A 23 -3.85 3.86 -3.05
C PHE A 23 -4.32 3.17 -4.34
N LEU A 24 -4.92 2.01 -4.24
CA LEU A 24 -5.39 1.32 -5.48
C LEU A 24 -6.90 1.54 -5.67
N PRO A 25 -7.35 1.37 -6.88
CA PRO A 25 -8.77 1.55 -7.24
C PRO A 25 -9.63 0.35 -6.83
N ARG A 26 -9.17 -0.85 -7.06
CA ARG A 26 -10.00 -2.04 -6.68
C ARG A 26 -10.43 -1.94 -5.22
N CYS A 27 -9.51 -1.60 -4.36
CA CYS A 27 -9.83 -1.55 -2.91
C CYS A 27 -9.60 -0.16 -2.32
N GLY A 28 -8.45 0.41 -2.54
CA GLY A 28 -8.17 1.75 -1.97
C GLY A 28 -7.10 1.60 -0.88
N HIS A 29 -6.66 0.39 -0.62
CA HIS A 29 -5.60 0.20 0.42
C HIS A 29 -4.46 1.17 0.10
N GLY A 30 -4.15 2.05 1.02
CA GLY A 30 -3.06 3.03 0.74
C GLY A 30 -1.73 2.53 1.30
N PHE A 31 -0.76 2.36 0.45
CA PHE A 31 0.58 1.90 0.90
C PHE A 31 1.59 3.02 0.64
N HIS A 32 2.84 2.76 0.81
CA HIS A 32 3.85 3.83 0.58
C HIS A 32 4.28 3.85 -0.88
N ALA A 33 4.81 4.94 -1.34
CA ALA A 33 5.27 4.98 -2.74
C ALA A 33 6.57 4.17 -2.81
N GLU A 34 7.29 4.13 -1.72
CA GLU A 34 8.56 3.37 -1.67
C GLU A 34 8.27 1.89 -1.36
N CYS A 35 7.52 1.60 -0.33
CA CYS A 35 7.23 0.17 -0.01
C CYS A 35 6.40 -0.43 -1.13
N VAL A 36 5.48 0.33 -1.66
CA VAL A 36 4.64 -0.20 -2.76
C VAL A 36 5.51 -0.53 -3.98
N ASP A 37 6.52 0.26 -4.23
CA ASP A 37 7.41 0.00 -5.40
C ASP A 37 8.25 -1.24 -5.13
N MET A 38 8.93 -1.28 -4.02
CA MET A 38 9.77 -2.46 -3.69
C MET A 38 8.86 -3.69 -3.53
N TRP A 39 7.61 -3.46 -3.23
CA TRP A 39 6.67 -4.60 -3.06
C TRP A 39 6.25 -5.11 -4.44
N LEU A 40 6.39 -4.30 -5.44
CA LEU A 40 5.99 -4.75 -6.78
C LEU A 40 7.04 -5.74 -7.28
N GLY A 41 8.21 -5.24 -7.62
CA GLY A 41 9.34 -6.11 -8.09
C GLY A 41 8.83 -7.48 -8.59
N SER A 42 7.73 -7.49 -9.30
CA SER A 42 7.12 -8.76 -9.82
C SER A 42 5.60 -8.68 -9.63
N HIS A 43 5.14 -8.61 -8.42
CA HIS A 43 3.67 -8.52 -8.18
C HIS A 43 3.18 -7.12 -8.57
N SER A 44 2.41 -7.04 -9.62
CA SER A 44 1.87 -5.73 -10.05
C SER A 44 0.47 -5.58 -9.46
N THR A 45 0.34 -5.81 -8.19
CA THR A 45 -0.99 -5.73 -7.55
C THR A 45 -0.87 -5.15 -6.14
N CYS A 46 -1.97 -5.07 -5.46
CA CYS A 46 -1.99 -4.52 -4.07
C CYS A 46 -1.30 -5.53 -3.14
N PRO A 47 -0.44 -5.03 -2.28
CA PRO A 47 0.32 -5.88 -1.35
C PRO A 47 -0.51 -6.43 -0.20
N LEU A 48 -1.59 -5.81 0.16
CA LEU A 48 -2.34 -6.36 1.31
C LEU A 48 -3.47 -7.28 0.87
N CYS A 49 -4.18 -6.94 -0.17
CA CYS A 49 -5.28 -7.84 -0.62
C CYS A 49 -4.84 -8.56 -1.89
N ARG A 50 -4.28 -7.82 -2.84
CA ARG A 50 -3.78 -8.41 -4.13
C ARG A 50 -4.77 -8.13 -5.25
N LEU A 51 -5.34 -6.96 -5.21
CA LEU A 51 -6.29 -6.57 -6.26
C LEU A 51 -5.50 -5.88 -7.37
N THR A 52 -5.06 -6.62 -8.36
CA THR A 52 -4.25 -6.02 -9.46
C THR A 52 -4.84 -4.66 -9.87
N VAL A 53 -4.03 -3.81 -10.41
CA VAL A 53 -4.52 -2.48 -10.85
C VAL A 53 -4.38 -2.35 -12.36
N VAL A 54 -3.77 -3.31 -13.01
CA VAL A 54 -3.59 -3.24 -14.47
C VAL A 54 -4.40 -4.38 -15.13
N VAL A 55 -4.93 -4.15 -16.30
CA VAL A 55 -5.72 -5.21 -16.99
C VAL A 55 -4.79 -6.05 -17.85
N ALA A 1 -2.43 -3.01 21.26
CA ALA A 1 -2.09 -2.37 19.96
C ALA A 1 -3.25 -1.50 19.49
N MET A 2 -2.99 -0.28 19.12
CA MET A 2 -4.09 0.61 18.66
C MET A 2 -3.63 1.37 17.41
N ASP A 3 -4.01 0.91 16.25
CA ASP A 3 -3.60 1.61 15.01
C ASP A 3 -4.72 2.55 14.55
N ASP A 4 -4.37 3.69 14.01
CA ASP A 4 -5.42 4.65 13.55
C ASP A 4 -5.10 5.12 12.14
N GLY A 5 -5.82 4.65 11.16
CA GLY A 5 -5.56 5.07 9.76
C GLY A 5 -5.36 3.83 8.89
N VAL A 6 -4.29 3.80 8.12
CA VAL A 6 -4.04 2.62 7.25
C VAL A 6 -2.70 1.98 7.64
N GLU A 7 -2.50 0.74 7.30
CA GLU A 7 -1.22 0.07 7.66
C GLU A 7 -0.47 -0.34 6.39
N CYS A 8 0.81 -0.10 6.36
CA CYS A 8 1.63 -0.48 5.17
C CYS A 8 1.89 -1.97 5.22
N ALA A 9 1.33 -2.72 4.33
CA ALA A 9 1.54 -4.20 4.34
C ALA A 9 3.02 -4.51 4.04
N VAL A 10 3.78 -3.51 3.67
CA VAL A 10 5.22 -3.76 3.36
C VAL A 10 6.10 -3.39 4.56
N CYS A 11 6.18 -2.13 4.91
CA CYS A 11 7.04 -1.76 6.07
C CYS A 11 6.22 -1.71 7.36
N LEU A 12 4.92 -1.66 7.25
CA LEU A 12 4.07 -1.62 8.48
C LEU A 12 4.44 -0.38 9.30
N ALA A 13 4.68 0.72 8.66
CA ALA A 13 5.03 1.96 9.41
C ALA A 13 3.86 2.94 9.38
N GLU A 14 3.44 3.41 10.52
CA GLU A 14 2.31 4.37 10.55
C GLU A 14 2.50 5.43 9.46
N LEU A 15 1.62 5.48 8.51
CA LEU A 15 1.76 6.48 7.41
C LEU A 15 1.77 7.89 8.01
N GLU A 16 2.78 8.67 7.72
CA GLU A 16 2.84 10.04 8.28
C GLU A 16 2.80 11.06 7.13
N ASP A 17 2.40 12.28 7.43
CA ASP A 17 2.34 13.30 6.36
C ASP A 17 3.74 13.59 5.84
N GLY A 18 3.90 13.73 4.55
CA GLY A 18 5.25 14.00 3.98
C GLY A 18 5.66 12.86 3.06
N GLU A 19 5.15 11.68 3.30
CA GLU A 19 5.51 10.52 2.44
C GLU A 19 4.63 10.51 1.19
N GLU A 20 4.68 9.46 0.43
CA GLU A 20 3.84 9.40 -0.80
C GLU A 20 3.16 8.03 -0.88
N ALA A 21 2.08 7.86 -0.16
CA ALA A 21 1.36 6.56 -0.21
C ALA A 21 0.71 6.38 -1.58
N ARG A 22 0.08 5.27 -1.80
CA ARG A 22 -0.56 5.02 -3.12
C ARG A 22 -1.79 4.13 -2.91
N PHE A 23 -2.94 4.58 -3.30
CA PHE A 23 -4.18 3.76 -3.11
C PHE A 23 -4.59 3.14 -4.44
N LEU A 24 -5.15 1.96 -4.42
CA LEU A 24 -5.58 1.31 -5.69
C LEU A 24 -7.09 1.51 -5.86
N PRO A 25 -7.55 1.33 -7.08
CA PRO A 25 -8.97 1.50 -7.43
C PRO A 25 -9.83 0.31 -6.98
N ARG A 26 -9.32 -0.89 -7.10
CA ARG A 26 -10.14 -2.06 -6.68
C ARG A 26 -10.53 -1.95 -5.22
N CYS A 27 -9.58 -1.61 -4.39
CA CYS A 27 -9.85 -1.54 -2.92
C CYS A 27 -9.58 -0.14 -2.37
N GLY A 28 -8.44 0.41 -2.65
CA GLY A 28 -8.11 1.76 -2.11
C GLY A 28 -7.01 1.61 -1.05
N HIS A 29 -6.64 0.39 -0.72
CA HIS A 29 -5.55 0.22 0.30
C HIS A 29 -4.41 1.16 -0.07
N GLY A 30 -3.86 1.87 0.88
CA GLY A 30 -2.76 2.80 0.53
C GLY A 30 -1.42 2.30 1.08
N PHE A 31 -0.42 2.29 0.25
CA PHE A 31 0.93 1.83 0.70
C PHE A 31 1.95 2.89 0.30
N HIS A 32 3.03 2.94 1.01
CA HIS A 32 4.07 3.96 0.70
C HIS A 32 4.39 3.94 -0.79
N ALA A 33 4.87 5.01 -1.32
CA ALA A 33 5.23 5.01 -2.76
C ALA A 33 6.55 4.24 -2.87
N GLU A 34 7.30 4.22 -1.81
CA GLU A 34 8.59 3.48 -1.81
C GLU A 34 8.34 2.00 -1.50
N CYS A 35 7.67 1.70 -0.41
CA CYS A 35 7.42 0.26 -0.08
C CYS A 35 6.58 -0.33 -1.20
N VAL A 36 5.60 0.40 -1.65
CA VAL A 36 4.73 -0.13 -2.74
C VAL A 36 5.58 -0.45 -3.98
N ASP A 37 6.73 0.17 -4.11
CA ASP A 37 7.60 -0.11 -5.29
C ASP A 37 8.42 -1.38 -5.00
N MET A 38 9.03 -1.44 -3.85
CA MET A 38 9.83 -2.65 -3.50
C MET A 38 8.90 -3.85 -3.45
N TRP A 39 7.63 -3.61 -3.23
CA TRP A 39 6.65 -4.73 -3.17
C TRP A 39 6.28 -5.16 -4.57
N LEU A 40 6.43 -4.27 -5.52
CA LEU A 40 6.10 -4.65 -6.91
C LEU A 40 6.84 -5.93 -7.21
N GLY A 41 8.15 -5.88 -7.12
CA GLY A 41 9.01 -7.10 -7.34
C GLY A 41 8.25 -8.20 -8.08
N SER A 42 7.81 -7.93 -9.29
CA SER A 42 7.04 -8.95 -10.08
C SER A 42 5.54 -8.78 -9.81
N HIS A 43 5.14 -8.77 -8.56
CA HIS A 43 3.70 -8.59 -8.25
C HIS A 43 3.31 -7.15 -8.55
N SER A 44 2.52 -6.94 -9.56
CA SER A 44 2.07 -5.56 -9.90
C SER A 44 0.66 -5.38 -9.38
N THR A 45 0.44 -5.76 -8.15
CA THR A 45 -0.91 -5.66 -7.55
C THR A 45 -0.82 -5.09 -6.14
N CYS A 46 -1.94 -5.02 -5.49
CA CYS A 46 -1.98 -4.49 -4.09
C CYS A 46 -1.31 -5.53 -3.18
N PRO A 47 -0.44 -5.06 -2.32
CA PRO A 47 0.32 -5.94 -1.41
C PRO A 47 -0.51 -6.49 -0.26
N LEU A 48 -1.59 -5.87 0.09
CA LEU A 48 -2.33 -6.41 1.25
C LEU A 48 -3.48 -7.31 0.81
N CYS A 49 -4.19 -6.96 -0.22
CA CYS A 49 -5.30 -7.84 -0.66
C CYS A 49 -4.89 -8.56 -1.95
N ARG A 50 -4.33 -7.83 -2.90
CA ARG A 50 -3.84 -8.42 -4.19
C ARG A 50 -4.86 -8.12 -5.28
N LEU A 51 -5.37 -6.94 -5.27
CA LEU A 51 -6.34 -6.52 -6.30
C LEU A 51 -5.55 -5.81 -7.42
N THR A 52 -5.08 -6.54 -8.38
CA THR A 52 -4.28 -5.92 -9.48
C THR A 52 -4.92 -4.60 -9.91
N VAL A 53 -4.12 -3.69 -10.37
CA VAL A 53 -4.66 -2.38 -10.83
C VAL A 53 -4.74 -2.36 -12.36
N VAL A 54 -3.82 -3.03 -13.00
CA VAL A 54 -3.83 -3.05 -14.49
C VAL A 54 -4.78 -4.16 -14.96
N VAL A 55 -5.12 -4.16 -16.23
CA VAL A 55 -6.03 -5.21 -16.75
C VAL A 55 -5.35 -5.98 -17.88
N ALA A 1 -12.72 -5.44 14.42
CA ALA A 1 -11.84 -4.89 13.35
C ALA A 1 -10.97 -3.77 13.92
N MET A 2 -11.57 -2.68 14.31
CA MET A 2 -10.78 -1.56 14.88
C MET A 2 -9.82 -1.02 13.81
N ASP A 3 -10.34 -0.69 12.65
CA ASP A 3 -9.45 -0.17 11.57
C ASP A 3 -9.16 1.32 11.82
N ASP A 4 -8.04 1.63 12.40
CA ASP A 4 -7.71 3.05 12.68
C ASP A 4 -6.66 3.53 11.68
N GLY A 5 -7.01 3.58 10.42
CA GLY A 5 -6.03 4.04 9.39
C GLY A 5 -5.52 2.83 8.61
N VAL A 6 -4.87 3.06 7.50
CA VAL A 6 -4.36 1.92 6.69
C VAL A 6 -2.92 1.59 7.13
N GLU A 7 -2.69 0.37 7.53
CA GLU A 7 -1.31 -0.02 7.97
C GLU A 7 -0.51 -0.56 6.79
N CYS A 8 0.60 0.05 6.52
CA CYS A 8 1.47 -0.43 5.40
C CYS A 8 1.76 -1.92 5.60
N ALA A 9 1.24 -2.76 4.76
CA ALA A 9 1.50 -4.21 4.93
C ALA A 9 2.97 -4.50 4.63
N VAL A 10 3.70 -3.52 4.18
CA VAL A 10 5.14 -3.75 3.87
C VAL A 10 6.03 -3.26 5.02
N CYS A 11 6.07 -1.98 5.29
CA CYS A 11 6.94 -1.49 6.40
C CYS A 11 6.13 -1.36 7.69
N LEU A 12 4.83 -1.46 7.61
CA LEU A 12 4.00 -1.34 8.85
C LEU A 12 4.31 -0.02 9.55
N ALA A 13 4.53 1.02 8.79
CA ALA A 13 4.83 2.33 9.41
C ALA A 13 3.65 3.27 9.22
N GLU A 14 3.12 3.81 10.28
CA GLU A 14 1.95 4.73 10.15
C GLU A 14 2.23 5.73 9.03
N LEU A 15 1.39 5.78 8.04
CA LEU A 15 1.61 6.73 6.92
C LEU A 15 1.65 8.16 7.47
N GLU A 16 2.83 8.67 7.72
CA GLU A 16 2.94 10.05 8.26
C GLU A 16 3.11 11.04 7.10
N ASP A 17 3.09 12.31 7.38
CA ASP A 17 3.25 13.32 6.30
C ASP A 17 4.71 13.35 5.84
N GLY A 18 4.94 13.61 4.59
CA GLY A 18 6.35 13.66 4.09
C GLY A 18 6.61 12.46 3.17
N GLU A 19 5.69 11.53 3.11
CA GLU A 19 5.89 10.34 2.24
C GLU A 19 4.88 10.40 1.08
N GLU A 20 4.94 9.44 0.20
CA GLU A 20 3.98 9.43 -0.95
C GLU A 20 3.30 8.06 -1.03
N ALA A 21 2.25 7.87 -0.28
CA ALA A 21 1.54 6.56 -0.32
C ALA A 21 0.84 6.40 -1.67
N ARG A 22 0.23 5.27 -1.90
CA ARG A 22 -0.47 5.04 -3.18
C ARG A 22 -1.73 4.21 -2.92
N PHE A 23 -2.88 4.72 -3.27
CA PHE A 23 -4.15 3.97 -3.03
C PHE A 23 -4.56 3.26 -4.32
N LEU A 24 -5.17 2.11 -4.22
CA LEU A 24 -5.58 1.38 -5.47
C LEU A 24 -7.09 1.53 -5.68
N PRO A 25 -7.52 1.30 -6.89
CA PRO A 25 -8.94 1.42 -7.28
C PRO A 25 -9.77 0.21 -6.83
N ARG A 26 -9.28 -0.98 -7.06
CA ARG A 26 -10.08 -2.18 -6.66
C ARG A 26 -10.47 -2.09 -5.19
N CYS A 27 -9.54 -1.75 -4.35
CA CYS A 27 -9.83 -1.70 -2.90
C CYS A 27 -9.60 -0.31 -2.31
N GLY A 28 -8.45 0.26 -2.55
CA GLY A 28 -8.15 1.60 -1.96
C GLY A 28 -7.09 1.42 -0.87
N HIS A 29 -6.66 0.21 -0.63
CA HIS A 29 -5.61 0.00 0.41
C HIS A 29 -4.48 0.98 0.14
N GLY A 30 -4.17 1.85 1.06
CA GLY A 30 -3.09 2.83 0.81
C GLY A 30 -1.76 2.31 1.36
N PHE A 31 -0.76 2.30 0.53
CA PHE A 31 0.59 1.82 0.95
C PHE A 31 1.59 2.95 0.71
N HIS A 32 2.85 2.67 0.80
CA HIS A 32 3.85 3.75 0.56
C HIS A 32 4.28 3.73 -0.90
N ALA A 33 4.80 4.81 -1.40
CA ALA A 33 5.25 4.79 -2.81
C ALA A 33 6.54 3.98 -2.85
N GLU A 34 7.26 3.99 -1.75
CA GLU A 34 8.54 3.22 -1.66
C GLU A 34 8.27 1.77 -1.30
N CYS A 35 7.45 1.51 -0.30
CA CYS A 35 7.18 0.10 0.07
C CYS A 35 6.32 -0.55 -1.01
N VAL A 36 5.38 0.18 -1.54
CA VAL A 36 4.51 -0.38 -2.61
C VAL A 36 5.34 -0.66 -3.87
N ASP A 37 6.24 0.23 -4.20
CA ASP A 37 7.09 0.01 -5.41
C ASP A 37 8.03 -1.17 -5.19
N MET A 38 8.73 -1.18 -4.09
CA MET A 38 9.65 -2.31 -3.81
C MET A 38 8.83 -3.58 -3.60
N TRP A 39 7.58 -3.42 -3.24
CA TRP A 39 6.70 -4.60 -3.04
C TRP A 39 6.28 -5.14 -4.40
N LEU A 40 6.38 -4.33 -5.41
CA LEU A 40 5.98 -4.81 -6.74
C LEU A 40 7.08 -5.71 -7.26
N GLY A 41 8.19 -5.13 -7.66
CA GLY A 41 9.35 -5.94 -8.18
C GLY A 41 8.88 -7.27 -8.77
N SER A 42 7.72 -7.28 -9.40
CA SER A 42 7.15 -8.53 -10.00
C SER A 42 5.63 -8.50 -9.81
N HIS A 43 5.18 -8.45 -8.58
CA HIS A 43 3.71 -8.41 -8.34
C HIS A 43 3.16 -7.04 -8.74
N SER A 44 2.39 -6.99 -9.78
CA SER A 44 1.80 -5.69 -10.22
C SER A 44 0.42 -5.56 -9.60
N THR A 45 0.32 -5.81 -8.33
CA THR A 45 -1.00 -5.75 -7.65
C THR A 45 -0.85 -5.17 -6.25
N CYS A 46 -1.94 -5.11 -5.54
CA CYS A 46 -1.95 -4.58 -4.15
C CYS A 46 -1.26 -5.59 -3.23
N PRO A 47 -0.41 -5.11 -2.35
CA PRO A 47 0.35 -5.97 -1.42
C PRO A 47 -0.50 -6.55 -0.29
N LEU A 48 -1.58 -5.92 0.07
CA LEU A 48 -2.32 -6.48 1.22
C LEU A 48 -3.44 -7.42 0.75
N CYS A 49 -4.14 -7.08 -0.30
CA CYS A 49 -5.22 -8.00 -0.76
C CYS A 49 -4.77 -8.69 -2.06
N ARG A 50 -4.20 -7.93 -2.98
CA ARG A 50 -3.69 -8.49 -4.28
C ARG A 50 -4.68 -8.18 -5.38
N LEU A 51 -5.26 -7.01 -5.31
CA LEU A 51 -6.22 -6.60 -6.35
C LEU A 51 -5.43 -5.91 -7.47
N THR A 52 -5.03 -6.65 -8.46
CA THR A 52 -4.25 -6.05 -9.58
C THR A 52 -4.84 -4.70 -9.97
N VAL A 53 -4.03 -3.85 -10.54
CA VAL A 53 -4.53 -2.52 -10.95
C VAL A 53 -4.31 -2.33 -12.45
N VAL A 54 -3.52 -3.19 -13.06
CA VAL A 54 -3.26 -3.06 -14.51
C VAL A 54 -4.45 -3.60 -15.30
N VAL A 55 -4.51 -3.33 -16.57
CA VAL A 55 -5.65 -3.85 -17.38
C VAL A 55 -5.11 -4.67 -18.55
N ALA A 1 -3.67 3.40 23.01
CA ALA A 1 -4.74 3.33 21.98
C ALA A 1 -4.42 4.32 20.86
N MET A 2 -4.67 3.95 19.64
CA MET A 2 -4.39 4.87 18.50
C MET A 2 -5.50 4.76 17.46
N ASP A 3 -5.41 5.50 16.39
CA ASP A 3 -6.46 5.42 15.34
C ASP A 3 -6.07 4.39 14.29
N ASP A 4 -6.37 3.14 14.53
CA ASP A 4 -6.01 2.08 13.55
C ASP A 4 -6.83 2.27 12.27
N GLY A 5 -6.23 2.08 11.12
CA GLY A 5 -6.98 2.24 9.85
C GLY A 5 -6.22 1.55 8.72
N VAL A 6 -5.20 2.18 8.21
CA VAL A 6 -4.42 1.55 7.10
C VAL A 6 -2.98 1.30 7.58
N GLU A 7 -2.47 0.13 7.33
CA GLU A 7 -1.08 -0.18 7.78
C GLU A 7 -0.24 -0.67 6.60
N CYS A 8 0.84 0.00 6.33
CA CYS A 8 1.72 -0.41 5.20
C CYS A 8 2.03 -1.90 5.35
N ALA A 9 1.50 -2.72 4.48
CA ALA A 9 1.76 -4.18 4.60
C ALA A 9 3.23 -4.46 4.33
N VAL A 10 3.98 -3.47 3.90
CA VAL A 10 5.42 -3.70 3.62
C VAL A 10 6.29 -3.24 4.81
N CYS A 11 6.32 -1.96 5.09
CA CYS A 11 7.17 -1.50 6.23
C CYS A 11 6.30 -1.37 7.49
N LEU A 12 5.01 -1.37 7.34
CA LEU A 12 4.12 -1.23 8.53
C LEU A 12 4.38 0.09 9.23
N ALA A 13 4.59 1.14 8.48
CA ALA A 13 4.85 2.46 9.11
C ALA A 13 3.59 3.34 9.00
N GLU A 14 3.20 3.96 10.08
CA GLU A 14 1.99 4.82 10.04
C GLU A 14 2.03 5.71 8.79
N LEU A 15 0.94 5.82 8.09
CA LEU A 15 0.91 6.67 6.87
C LEU A 15 0.69 8.12 7.27
N GLU A 16 1.74 8.90 7.36
CA GLU A 16 1.59 10.32 7.74
C GLU A 16 2.34 11.21 6.74
N ASP A 17 2.08 12.48 6.75
CA ASP A 17 2.78 13.40 5.80
C ASP A 17 4.28 13.12 5.85
N GLY A 18 4.96 13.30 4.75
CA GLY A 18 6.43 13.05 4.73
C GLY A 18 6.74 11.99 3.68
N GLU A 19 5.77 11.22 3.28
CA GLU A 19 6.01 10.16 2.25
C GLU A 19 4.95 10.25 1.15
N GLU A 20 4.94 9.31 0.25
CA GLU A 20 3.93 9.36 -0.85
C GLU A 20 3.22 8.00 -0.93
N ALA A 21 2.16 7.84 -0.17
CA ALA A 21 1.42 6.54 -0.20
C ALA A 21 0.73 6.39 -1.56
N ARG A 22 0.07 5.29 -1.77
CA ARG A 22 -0.62 5.06 -3.06
C ARG A 22 -1.85 4.19 -2.83
N PHE A 23 -3.01 4.67 -3.21
CA PHE A 23 -4.25 3.88 -3.00
C PHE A 23 -4.66 3.21 -4.32
N LEU A 24 -5.23 2.04 -4.26
CA LEU A 24 -5.65 1.36 -5.51
C LEU A 24 -7.15 1.56 -5.74
N PRO A 25 -7.57 1.38 -6.98
CA PRO A 25 -8.97 1.54 -7.37
C PRO A 25 -9.83 0.34 -6.96
N ARG A 26 -9.29 -0.84 -7.01
CA ARG A 26 -10.10 -2.04 -6.62
C ARG A 26 -10.50 -1.95 -5.16
N CYS A 27 -9.55 -1.64 -4.33
CA CYS A 27 -9.82 -1.60 -2.87
C CYS A 27 -9.54 -0.21 -2.28
N GLY A 28 -8.41 0.35 -2.54
CA GLY A 28 -8.09 1.69 -1.97
C GLY A 28 -6.96 1.53 -0.95
N HIS A 29 -6.58 0.32 -0.62
CA HIS A 29 -5.48 0.13 0.36
C HIS A 29 -4.36 1.10 0.01
N GLY A 30 -3.82 1.80 0.97
CA GLY A 30 -2.75 2.77 0.65
C GLY A 30 -1.39 2.30 1.18
N PHE A 31 -0.43 2.17 0.31
CA PHE A 31 0.93 1.73 0.74
C PHE A 31 1.93 2.80 0.30
N HIS A 32 3.02 2.88 0.98
CA HIS A 32 4.04 3.90 0.62
C HIS A 32 4.35 3.83 -0.86
N ALA A 33 4.81 4.91 -1.43
CA ALA A 33 5.17 4.86 -2.86
C ALA A 33 6.49 4.10 -2.96
N GLU A 34 7.26 4.13 -1.90
CA GLU A 34 8.56 3.40 -1.88
C GLU A 34 8.33 1.93 -1.52
N CYS A 35 7.66 1.66 -0.43
CA CYS A 35 7.43 0.24 -0.05
C CYS A 35 6.55 -0.41 -1.11
N VAL A 36 5.54 0.28 -1.56
CA VAL A 36 4.65 -0.30 -2.60
C VAL A 36 5.46 -0.62 -3.86
N ASP A 37 6.49 0.12 -4.13
CA ASP A 37 7.31 -0.14 -5.34
C ASP A 37 8.20 -1.37 -5.10
N MET A 38 8.86 -1.42 -3.99
CA MET A 38 9.73 -2.59 -3.69
C MET A 38 8.86 -3.84 -3.55
N TRP A 39 7.61 -3.64 -3.22
CA TRP A 39 6.69 -4.80 -3.06
C TRP A 39 6.28 -5.30 -4.43
N LEU A 40 6.44 -4.48 -5.44
CA LEU A 40 6.07 -4.91 -6.79
C LEU A 40 7.06 -5.97 -7.23
N GLY A 41 8.27 -5.56 -7.51
CA GLY A 41 9.37 -6.50 -7.93
C GLY A 41 8.80 -7.82 -8.45
N SER A 42 7.75 -7.76 -9.25
CA SER A 42 7.10 -8.99 -9.82
C SER A 42 5.58 -8.86 -9.66
N HIS A 43 5.10 -8.79 -8.46
CA HIS A 43 3.63 -8.65 -8.25
C HIS A 43 3.18 -7.25 -8.64
N SER A 44 2.43 -7.12 -9.70
CA SER A 44 1.94 -5.79 -10.13
C SER A 44 0.55 -5.58 -9.54
N THR A 45 0.40 -5.84 -8.27
CA THR A 45 -0.92 -5.69 -7.63
C THR A 45 -0.79 -5.16 -6.20
N CYS A 46 -1.89 -5.05 -5.53
CA CYS A 46 -1.92 -4.55 -4.12
C CYS A 46 -1.26 -5.60 -3.22
N PRO A 47 -0.41 -5.16 -2.32
CA PRO A 47 0.32 -6.05 -1.41
C PRO A 47 -0.53 -6.62 -0.29
N LEU A 48 -1.54 -5.94 0.15
CA LEU A 48 -2.31 -6.49 1.28
C LEU A 48 -3.45 -7.39 0.80
N CYS A 49 -4.14 -7.03 -0.24
CA CYS A 49 -5.24 -7.91 -0.71
C CYS A 49 -4.82 -8.60 -2.02
N ARG A 50 -4.23 -7.86 -2.94
CA ARG A 50 -3.75 -8.42 -4.24
C ARG A 50 -4.73 -8.06 -5.34
N LEU A 51 -5.30 -6.89 -5.24
CA LEU A 51 -6.23 -6.41 -6.27
C LEU A 51 -5.42 -5.58 -7.28
N THR A 52 -5.19 -6.11 -8.44
CA THR A 52 -4.39 -5.34 -9.45
C THR A 52 -4.83 -3.88 -9.47
N VAL A 53 -3.96 -3.01 -9.89
CA VAL A 53 -4.32 -1.56 -9.93
C VAL A 53 -4.88 -1.22 -11.31
N VAL A 54 -4.23 -1.68 -12.35
CA VAL A 54 -4.71 -1.37 -13.72
C VAL A 54 -5.92 -2.26 -14.05
N VAL A 55 -6.79 -1.80 -14.90
CA VAL A 55 -7.98 -2.60 -15.26
C VAL A 55 -7.87 -3.08 -16.71
N ALA A 1 -6.93 5.12 21.29
CA ALA A 1 -7.64 3.85 21.63
C ALA A 1 -7.85 3.04 20.35
N MET A 2 -8.45 1.88 20.46
CA MET A 2 -8.68 1.04 19.26
C MET A 2 -7.37 0.87 18.50
N ASP A 3 -7.42 0.25 17.35
CA ASP A 3 -6.17 0.04 16.56
C ASP A 3 -5.91 1.27 15.69
N ASP A 4 -4.82 1.28 14.98
CA ASP A 4 -4.51 2.45 14.11
C ASP A 4 -5.42 2.43 12.88
N GLY A 5 -5.33 3.43 12.04
CA GLY A 5 -6.19 3.47 10.82
C GLY A 5 -5.60 2.55 9.76
N VAL A 6 -5.04 3.12 8.72
CA VAL A 6 -4.47 2.28 7.63
C VAL A 6 -3.04 1.87 8.02
N GLU A 7 -2.61 0.72 7.59
CA GLU A 7 -1.22 0.28 7.94
C GLU A 7 -0.50 -0.21 6.69
N CYS A 8 0.80 -0.02 6.64
CA CYS A 8 1.60 -0.47 5.48
C CYS A 8 1.94 -1.94 5.64
N ALA A 9 1.39 -2.79 4.81
CA ALA A 9 1.69 -4.24 4.94
C ALA A 9 3.16 -4.50 4.62
N VAL A 10 3.85 -3.51 4.13
CA VAL A 10 5.28 -3.72 3.79
C VAL A 10 6.19 -3.21 4.93
N CYS A 11 6.22 -1.92 5.19
CA CYS A 11 7.10 -1.42 6.27
C CYS A 11 6.31 -1.32 7.58
N LEU A 12 5.01 -1.35 7.50
CA LEU A 12 4.18 -1.27 8.74
C LEU A 12 4.49 0.06 9.47
N ALA A 13 4.64 1.12 8.73
CA ALA A 13 4.95 2.42 9.38
C ALA A 13 3.71 3.33 9.30
N GLU A 14 3.36 3.95 10.39
CA GLU A 14 2.16 4.84 10.38
C GLU A 14 2.20 5.73 9.13
N LEU A 15 1.10 5.86 8.46
CA LEU A 15 1.07 6.70 7.23
C LEU A 15 0.96 8.18 7.63
N GLU A 16 1.99 8.94 7.39
CA GLU A 16 1.95 10.39 7.76
C GLU A 16 2.49 11.22 6.60
N ASP A 17 2.22 12.50 6.61
CA ASP A 17 2.72 13.37 5.50
C ASP A 17 4.24 13.21 5.37
N GLY A 18 4.77 13.51 4.22
CA GLY A 18 6.25 13.38 4.03
C GLY A 18 6.54 12.26 3.02
N GLU A 19 5.62 11.36 2.84
CA GLU A 19 5.84 10.26 1.86
C GLU A 19 4.74 10.27 0.81
N GLU A 20 4.84 9.41 -0.18
CA GLU A 20 3.79 9.37 -1.24
C GLU A 20 3.12 8.00 -1.24
N ALA A 21 2.19 7.79 -0.36
CA ALA A 21 1.49 6.47 -0.30
C ALA A 21 0.61 6.31 -1.55
N ARG A 22 0.56 5.13 -2.08
CA ARG A 22 -0.27 4.89 -3.30
C ARG A 22 -1.49 4.04 -2.92
N PHE A 23 -2.67 4.55 -3.19
CA PHE A 23 -3.91 3.78 -2.87
C PHE A 23 -4.43 3.12 -4.14
N LEU A 24 -5.03 1.97 -4.05
CA LEU A 24 -5.54 1.30 -5.28
C LEU A 24 -7.06 1.50 -5.39
N PRO A 25 -7.55 1.45 -6.61
CA PRO A 25 -8.97 1.64 -6.91
C PRO A 25 -9.80 0.38 -6.61
N ARG A 26 -9.28 -0.77 -6.95
CA ARG A 26 -10.06 -2.02 -6.68
C ARG A 26 -10.49 -2.08 -5.23
N CYS A 27 -9.59 -1.78 -4.35
CA CYS A 27 -9.90 -1.88 -2.89
C CYS A 27 -9.72 -0.53 -2.19
N GLY A 28 -8.58 0.09 -2.36
CA GLY A 28 -8.34 1.39 -1.67
C GLY A 28 -7.23 1.19 -0.61
N HIS A 29 -6.68 0.00 -0.52
CA HIS A 29 -5.59 -0.23 0.47
C HIS A 29 -4.49 0.79 0.19
N GLY A 30 -4.16 1.62 1.14
CA GLY A 30 -3.10 2.64 0.88
C GLY A 30 -1.74 2.13 1.36
N PHE A 31 -0.75 2.18 0.51
CA PHE A 31 0.61 1.73 0.88
C PHE A 31 1.58 2.87 0.63
N HIS A 32 2.85 2.63 0.71
CA HIS A 32 3.82 3.73 0.47
C HIS A 32 4.26 3.73 -0.99
N ALA A 33 4.77 4.82 -1.47
CA ALA A 33 5.23 4.83 -2.88
C ALA A 33 6.54 4.06 -2.91
N GLU A 34 7.26 4.06 -1.81
CA GLU A 34 8.54 3.33 -1.73
C GLU A 34 8.29 1.86 -1.40
N CYS A 35 7.54 1.58 -0.36
CA CYS A 35 7.27 0.15 -0.01
C CYS A 35 6.47 -0.49 -1.12
N VAL A 36 5.48 0.20 -1.62
CA VAL A 36 4.65 -0.38 -2.72
C VAL A 36 5.55 -0.70 -3.92
N ASP A 37 6.62 0.03 -4.09
CA ASP A 37 7.53 -0.25 -5.24
C ASP A 37 8.39 -1.47 -4.92
N MET A 38 8.96 -1.53 -3.75
CA MET A 38 9.79 -2.71 -3.38
C MET A 38 8.91 -3.95 -3.36
N TRP A 39 7.63 -3.76 -3.18
CA TRP A 39 6.69 -4.92 -3.17
C TRP A 39 6.33 -5.29 -4.60
N LEU A 40 6.48 -4.37 -5.51
CA LEU A 40 6.16 -4.68 -6.92
C LEU A 40 6.86 -5.98 -7.25
N GLY A 41 8.16 -6.00 -7.08
CA GLY A 41 8.98 -7.24 -7.34
C GLY A 41 8.22 -8.24 -8.22
N SER A 42 7.88 -7.86 -9.42
CA SER A 42 7.12 -8.77 -10.34
C SER A 42 5.62 -8.59 -10.11
N HIS A 43 5.17 -8.67 -8.88
CA HIS A 43 3.71 -8.49 -8.63
C HIS A 43 3.36 -7.01 -8.81
N SER A 44 2.63 -6.70 -9.84
CA SER A 44 2.23 -5.28 -10.07
C SER A 44 0.80 -5.11 -9.56
N THR A 45 0.57 -5.48 -8.34
CA THR A 45 -0.79 -5.38 -7.76
C THR A 45 -0.72 -4.98 -6.30
N CYS A 46 -1.84 -4.93 -5.65
CA CYS A 46 -1.92 -4.57 -4.22
C CYS A 46 -1.26 -5.69 -3.40
N PRO A 47 -0.39 -5.32 -2.48
CA PRO A 47 0.34 -6.31 -1.66
C PRO A 47 -0.52 -6.97 -0.59
N LEU A 48 -1.52 -6.32 -0.09
CA LEU A 48 -2.27 -6.97 1.00
C LEU A 48 -3.42 -7.83 0.45
N CYS A 49 -4.11 -7.38 -0.55
CA CYS A 49 -5.22 -8.20 -1.10
C CYS A 49 -4.79 -8.81 -2.45
N ARG A 50 -4.21 -8.00 -3.31
CA ARG A 50 -3.72 -8.47 -4.66
C ARG A 50 -4.69 -8.03 -5.74
N LEU A 51 -5.25 -6.88 -5.57
CA LEU A 51 -6.18 -6.33 -6.58
C LEU A 51 -5.38 -5.39 -7.48
N THR A 52 -4.95 -5.86 -8.62
CA THR A 52 -4.14 -4.98 -9.54
C THR A 52 -4.75 -3.57 -9.58
N VAL A 53 -3.95 -2.60 -9.89
CA VAL A 53 -4.47 -1.21 -9.96
C VAL A 53 -4.95 -0.91 -11.38
N VAL A 54 -4.16 -1.27 -12.36
CA VAL A 54 -4.56 -1.01 -13.77
C VAL A 54 -5.61 -2.04 -14.19
N VAL A 55 -6.45 -1.69 -15.13
CA VAL A 55 -7.50 -2.65 -15.58
C VAL A 55 -7.53 -2.68 -17.12
N ALA A 1 -11.44 -3.07 17.62
CA ALA A 1 -12.01 -1.71 17.37
C ALA A 1 -10.91 -0.66 17.53
N MET A 2 -9.97 -0.63 16.63
CA MET A 2 -8.87 0.37 16.73
C MET A 2 -8.19 0.52 15.36
N ASP A 3 -8.91 1.01 14.39
CA ASP A 3 -8.31 1.19 13.04
C ASP A 3 -7.50 2.49 12.99
N ASP A 4 -6.34 2.49 13.56
CA ASP A 4 -5.51 3.73 13.56
C ASP A 4 -4.90 3.92 12.16
N GLY A 5 -5.50 4.74 11.34
CA GLY A 5 -4.96 4.97 9.98
C GLY A 5 -4.72 3.62 9.29
N VAL A 6 -4.16 3.64 8.11
CA VAL A 6 -3.89 2.37 7.39
C VAL A 6 -2.51 1.84 7.76
N GLU A 7 -2.29 0.56 7.65
CA GLU A 7 -0.96 0.00 8.00
C GLU A 7 -0.23 -0.47 6.75
N CYS A 8 0.93 0.06 6.50
CA CYS A 8 1.73 -0.36 5.32
C CYS A 8 2.09 -1.84 5.45
N ALA A 9 1.53 -2.67 4.62
CA ALA A 9 1.83 -4.12 4.71
C ALA A 9 3.31 -4.37 4.38
N VAL A 10 4.00 -3.36 3.91
CA VAL A 10 5.44 -3.57 3.56
C VAL A 10 6.35 -3.06 4.70
N CYS A 11 6.36 -1.79 4.97
CA CYS A 11 7.25 -1.30 6.06
C CYS A 11 6.48 -1.21 7.38
N LEU A 12 5.17 -1.22 7.31
CA LEU A 12 4.38 -1.12 8.58
C LEU A 12 4.72 0.18 9.30
N ALA A 13 4.85 1.25 8.57
CA ALA A 13 5.18 2.55 9.20
C ALA A 13 3.95 3.45 9.24
N GLU A 14 3.58 3.94 10.39
CA GLU A 14 2.39 4.83 10.48
C GLU A 14 2.43 5.86 9.35
N LEU A 15 1.41 5.91 8.55
CA LEU A 15 1.39 6.89 7.42
C LEU A 15 1.28 8.31 7.98
N GLU A 16 2.32 9.09 7.89
CA GLU A 16 2.26 10.47 8.42
C GLU A 16 2.84 11.44 7.38
N ASP A 17 2.72 12.72 7.61
CA ASP A 17 3.27 13.70 6.63
C ASP A 17 4.76 13.44 6.43
N GLY A 18 5.24 13.59 5.22
CA GLY A 18 6.69 13.34 4.96
C GLY A 18 6.85 12.22 3.94
N GLU A 19 5.92 11.31 3.89
CA GLU A 19 6.01 10.19 2.90
C GLU A 19 4.84 10.25 1.94
N GLU A 20 4.76 9.33 1.01
CA GLU A 20 3.63 9.34 0.04
C GLU A 20 2.98 7.96 0.01
N ALA A 21 1.74 7.88 -0.39
CA ALA A 21 1.05 6.56 -0.44
C ALA A 21 0.39 6.38 -1.80
N ARG A 22 -0.21 5.25 -2.04
CA ARG A 22 -0.87 5.01 -3.34
C ARG A 22 -2.08 4.09 -3.12
N PHE A 23 -3.25 4.54 -3.51
CA PHE A 23 -4.46 3.70 -3.32
C PHE A 23 -4.84 3.02 -4.64
N LEU A 24 -5.38 1.83 -4.58
CA LEU A 24 -5.77 1.14 -5.84
C LEU A 24 -7.27 1.32 -6.09
N PRO A 25 -7.67 1.12 -7.32
CA PRO A 25 -9.08 1.28 -7.73
C PRO A 25 -9.94 0.07 -7.31
N ARG A 26 -9.38 -1.12 -7.35
CA ARG A 26 -10.18 -2.31 -6.96
C ARG A 26 -10.61 -2.21 -5.50
N CYS A 27 -9.67 -1.87 -4.66
CA CYS A 27 -9.97 -1.81 -3.20
C CYS A 27 -9.73 -0.40 -2.64
N GLY A 28 -8.59 0.16 -2.89
CA GLY A 28 -8.29 1.51 -2.34
C GLY A 28 -7.18 1.39 -1.29
N HIS A 29 -6.78 0.19 -0.95
CA HIS A 29 -5.70 0.03 0.06
C HIS A 29 -4.58 1.01 -0.28
N GLY A 30 -4.04 1.69 0.69
CA GLY A 30 -2.97 2.68 0.37
C GLY A 30 -1.62 2.23 0.94
N PHE A 31 -0.63 2.16 0.12
CA PHE A 31 0.73 1.75 0.57
C PHE A 31 1.72 2.84 0.16
N HIS A 32 2.82 2.92 0.81
CA HIS A 32 3.81 3.97 0.46
C HIS A 32 4.12 3.93 -1.02
N ALA A 33 4.55 5.02 -1.58
CA ALA A 33 4.90 5.00 -3.01
C ALA A 33 6.22 4.25 -3.14
N GLU A 34 7.00 4.29 -2.08
CA GLU A 34 8.31 3.58 -2.08
C GLU A 34 8.10 2.10 -1.72
N CYS A 35 7.47 1.81 -0.61
CA CYS A 35 7.25 0.39 -0.23
C CYS A 35 6.40 -0.27 -1.30
N VAL A 36 5.39 0.42 -1.76
CA VAL A 36 4.51 -0.18 -2.81
C VAL A 36 5.36 -0.53 -4.03
N ASP A 37 6.48 0.12 -4.21
CA ASP A 37 7.35 -0.20 -5.38
C ASP A 37 8.21 -1.42 -5.04
N MET A 38 8.80 -1.43 -3.87
CA MET A 38 9.64 -2.59 -3.48
C MET A 38 8.77 -3.83 -3.40
N TRP A 39 7.49 -3.65 -3.21
CA TRP A 39 6.57 -4.80 -3.12
C TRP A 39 6.22 -5.27 -4.52
N LEU A 40 6.36 -4.40 -5.49
CA LEU A 40 6.05 -4.81 -6.88
C LEU A 40 6.82 -6.09 -7.14
N GLY A 41 8.13 -6.02 -7.02
CA GLY A 41 9.01 -7.23 -7.22
C GLY A 41 8.28 -8.34 -7.97
N SER A 42 7.87 -8.09 -9.19
CA SER A 42 7.13 -9.12 -9.99
C SER A 42 5.64 -8.96 -9.77
N HIS A 43 5.19 -8.95 -8.54
CA HIS A 43 3.74 -8.79 -8.29
C HIS A 43 3.34 -7.35 -8.62
N SER A 44 2.59 -7.15 -9.66
CA SER A 44 2.15 -5.77 -10.03
C SER A 44 0.74 -5.57 -9.52
N THR A 45 0.53 -5.85 -8.27
CA THR A 45 -0.84 -5.72 -7.70
C THR A 45 -0.77 -5.20 -6.27
N CYS A 46 -1.90 -5.11 -5.64
CA CYS A 46 -1.98 -4.64 -4.23
C CYS A 46 -1.33 -5.69 -3.32
N PRO A 47 -0.49 -5.25 -2.42
CA PRO A 47 0.24 -6.15 -1.51
C PRO A 47 -0.63 -6.74 -0.40
N LEU A 48 -1.64 -6.06 0.03
CA LEU A 48 -2.42 -6.63 1.15
C LEU A 48 -3.55 -7.54 0.66
N CYS A 49 -4.22 -7.17 -0.39
CA CYS A 49 -5.32 -8.04 -0.88
C CYS A 49 -4.88 -8.74 -2.17
N ARG A 50 -4.26 -8.00 -3.08
CA ARG A 50 -3.75 -8.56 -4.38
C ARG A 50 -4.72 -8.22 -5.50
N LEU A 51 -5.28 -7.05 -5.41
CA LEU A 51 -6.21 -6.58 -6.46
C LEU A 51 -5.40 -5.73 -7.44
N THR A 52 -5.09 -6.26 -8.59
CA THR A 52 -4.28 -5.48 -9.58
C THR A 52 -4.78 -4.03 -9.64
N VAL A 53 -3.94 -3.13 -10.03
CA VAL A 53 -4.36 -1.70 -10.11
C VAL A 53 -4.99 -1.43 -11.48
N VAL A 54 -4.33 -1.83 -12.54
CA VAL A 54 -4.88 -1.60 -13.90
C VAL A 54 -5.27 -2.95 -14.52
N VAL A 55 -6.24 -2.96 -15.39
CA VAL A 55 -6.66 -4.23 -16.03
C VAL A 55 -6.28 -4.21 -17.52
N ALA A 1 -11.23 -6.87 18.40
CA ALA A 1 -11.82 -5.79 17.55
C ALA A 1 -11.42 -6.01 16.09
N MET A 2 -11.88 -5.17 15.21
CA MET A 2 -11.52 -5.33 13.77
C MET A 2 -11.66 -3.97 13.06
N ASP A 3 -10.81 -3.05 13.37
CA ASP A 3 -10.89 -1.71 12.71
C ASP A 3 -9.83 -1.61 11.61
N ASP A 4 -10.26 -1.48 10.38
CA ASP A 4 -9.29 -1.39 9.26
C ASP A 4 -8.69 0.02 9.23
N GLY A 5 -7.57 0.21 9.86
CA GLY A 5 -6.93 1.55 9.88
C GLY A 5 -5.99 1.70 8.67
N VAL A 6 -5.33 2.81 8.54
CA VAL A 6 -4.41 3.00 7.39
C VAL A 6 -3.01 2.51 7.76
N GLU A 7 -2.69 1.29 7.40
CA GLU A 7 -1.35 0.75 7.75
C GLU A 7 -0.74 0.04 6.54
N CYS A 8 0.38 0.51 6.09
CA CYS A 8 1.07 -0.14 4.94
C CYS A 8 1.58 -1.51 5.43
N ALA A 9 0.99 -2.57 4.93
CA ALA A 9 1.38 -3.94 5.39
C ALA A 9 2.80 -4.28 4.96
N VAL A 10 3.45 -3.42 4.23
CA VAL A 10 4.84 -3.73 3.80
C VAL A 10 5.81 -3.40 4.93
N CYS A 11 5.92 -2.15 5.29
CA CYS A 11 6.86 -1.78 6.39
C CYS A 11 6.10 -1.74 7.71
N LEU A 12 4.83 -1.44 7.67
CA LEU A 12 4.01 -1.36 8.90
C LEU A 12 4.28 -0.02 9.61
N ALA A 13 4.37 1.03 8.85
CA ALA A 13 4.63 2.37 9.46
C ALA A 13 3.41 3.27 9.24
N GLU A 14 3.20 4.22 10.11
CA GLU A 14 2.02 5.13 9.95
C GLU A 14 2.21 6.00 8.70
N LEU A 15 1.14 6.48 8.13
CA LEU A 15 1.27 7.33 6.92
C LEU A 15 1.28 8.80 7.33
N GLU A 16 2.44 9.39 7.42
CA GLU A 16 2.51 10.82 7.82
C GLU A 16 3.11 11.65 6.68
N ASP A 17 3.13 12.94 6.82
CA ASP A 17 3.70 13.81 5.74
C ASP A 17 5.13 13.36 5.44
N GLY A 18 5.67 13.80 4.34
CA GLY A 18 7.07 13.40 3.99
C GLY A 18 7.05 12.04 3.29
N GLU A 19 5.89 11.47 3.10
CA GLU A 19 5.81 10.14 2.42
C GLU A 19 4.77 10.21 1.30
N GLU A 20 4.75 9.23 0.44
CA GLU A 20 3.76 9.23 -0.67
C GLU A 20 3.08 7.86 -0.74
N ALA A 21 2.12 7.61 0.10
CA ALA A 21 1.43 6.29 0.07
C ALA A 21 0.54 6.20 -1.16
N ARG A 22 0.50 5.07 -1.79
CA ARG A 22 -0.34 4.92 -3.01
C ARG A 22 -1.55 4.02 -2.69
N PHE A 23 -2.74 4.53 -2.88
CA PHE A 23 -3.96 3.72 -2.60
C PHE A 23 -4.43 3.11 -3.93
N LEU A 24 -5.01 1.94 -3.91
CA LEU A 24 -5.47 1.33 -5.19
C LEU A 24 -6.98 1.58 -5.37
N PRO A 25 -7.38 1.74 -6.60
CA PRO A 25 -8.79 2.00 -6.98
C PRO A 25 -9.62 0.71 -6.94
N ARG A 26 -9.02 -0.39 -6.59
CA ARG A 26 -9.77 -1.67 -6.55
C ARG A 26 -10.32 -1.91 -5.15
N CYS A 27 -9.48 -1.73 -4.19
CA CYS A 27 -9.86 -1.98 -2.78
C CYS A 27 -9.72 -0.71 -1.95
N GLY A 28 -8.61 -0.04 -2.05
CA GLY A 28 -8.41 1.19 -1.25
C GLY A 28 -7.28 0.95 -0.23
N HIS A 29 -6.65 -0.19 -0.28
CA HIS A 29 -5.54 -0.46 0.67
C HIS A 29 -4.44 0.58 0.39
N GLY A 30 -4.13 1.39 1.34
CA GLY A 30 -3.09 2.44 1.10
C GLY A 30 -1.72 1.93 1.56
N PHE A 31 -0.77 1.95 0.66
CA PHE A 31 0.61 1.50 1.02
C PHE A 31 1.56 2.66 0.79
N HIS A 32 2.84 2.43 0.88
CA HIS A 32 3.79 3.55 0.66
C HIS A 32 4.21 3.61 -0.79
N ALA A 33 4.69 4.72 -1.25
CA ALA A 33 5.15 4.79 -2.65
C ALA A 33 6.47 4.02 -2.72
N GLU A 34 7.17 4.00 -1.62
CA GLU A 34 8.47 3.27 -1.56
C GLU A 34 8.22 1.78 -1.26
N CYS A 35 7.48 1.47 -0.23
CA CYS A 35 7.23 0.03 0.08
C CYS A 35 6.44 -0.60 -1.06
N VAL A 36 5.48 0.13 -1.57
CA VAL A 36 4.64 -0.43 -2.68
C VAL A 36 5.53 -0.70 -3.91
N ASP A 37 6.52 0.12 -4.13
CA ASP A 37 7.42 -0.09 -5.31
C ASP A 37 8.30 -1.31 -5.06
N MET A 38 8.96 -1.38 -3.94
CA MET A 38 9.83 -2.54 -3.64
C MET A 38 8.95 -3.79 -3.53
N TRP A 39 7.70 -3.60 -3.24
CA TRP A 39 6.78 -4.77 -3.10
C TRP A 39 6.37 -5.24 -4.49
N LEU A 40 6.50 -4.40 -5.48
CA LEU A 40 6.11 -4.82 -6.83
C LEU A 40 7.21 -5.70 -7.39
N GLY A 41 8.31 -5.11 -7.77
CA GLY A 41 9.45 -5.90 -8.33
C GLY A 41 8.95 -7.16 -9.05
N SER A 42 7.78 -7.08 -9.66
CA SER A 42 7.18 -8.25 -10.37
C SER A 42 5.66 -8.20 -10.17
N HIS A 43 5.20 -8.22 -8.94
CA HIS A 43 3.73 -8.19 -8.67
C HIS A 43 3.20 -6.79 -8.97
N SER A 44 2.41 -6.65 -9.99
CA SER A 44 1.82 -5.32 -10.32
C SER A 44 0.44 -5.26 -9.71
N THR A 45 0.31 -5.72 -8.51
CA THR A 45 -1.01 -5.72 -7.84
C THR A 45 -0.89 -5.20 -6.40
N CYS A 46 -1.98 -5.18 -5.71
CA CYS A 46 -2.00 -4.71 -4.30
C CYS A 46 -1.28 -5.74 -3.42
N PRO A 47 -0.42 -5.28 -2.54
CA PRO A 47 0.35 -6.17 -1.65
C PRO A 47 -0.48 -6.80 -0.54
N LEU A 48 -1.57 -6.24 -0.16
CA LEU A 48 -2.32 -6.88 0.95
C LEU A 48 -3.42 -7.80 0.44
N CYS A 49 -4.13 -7.41 -0.58
CA CYS A 49 -5.20 -8.31 -1.10
C CYS A 49 -4.75 -8.92 -2.42
N ARG A 50 -4.18 -8.11 -3.30
CA ARG A 50 -3.65 -8.60 -4.62
C ARG A 50 -4.63 -8.33 -5.76
N LEU A 51 -5.37 -7.26 -5.69
CA LEU A 51 -6.30 -6.94 -6.79
C LEU A 51 -5.50 -6.24 -7.88
N THR A 52 -5.00 -6.96 -8.86
CA THR A 52 -4.20 -6.30 -9.92
C THR A 52 -4.89 -5.02 -10.36
N VAL A 53 -4.14 -3.99 -10.62
CA VAL A 53 -4.77 -2.70 -11.04
C VAL A 53 -4.52 -2.46 -12.53
N VAL A 54 -3.75 -3.30 -13.16
CA VAL A 54 -3.48 -3.12 -14.61
C VAL A 54 -4.19 -4.22 -15.40
N VAL A 55 -5.05 -3.83 -16.31
CA VAL A 55 -5.77 -4.86 -17.12
C VAL A 55 -4.87 -5.34 -18.26
N ALA A 1 0.34 -2.24 19.47
CA ALA A 1 0.40 -1.67 18.10
C ALA A 1 -0.68 -0.60 17.93
N MET A 2 -1.85 -0.86 18.43
CA MET A 2 -2.95 0.15 18.31
C MET A 2 -3.02 0.65 16.86
N ASP A 3 -3.88 0.07 16.07
CA ASP A 3 -4.00 0.51 14.66
C ASP A 3 -4.36 2.00 14.61
N ASP A 4 -3.47 2.82 14.14
CA ASP A 4 -3.76 4.28 14.07
C ASP A 4 -4.20 4.64 12.64
N GLY A 5 -4.98 3.80 12.02
CA GLY A 5 -5.44 4.09 10.64
C GLY A 5 -4.95 2.98 9.69
N VAL A 6 -4.74 3.30 8.45
CA VAL A 6 -4.26 2.26 7.49
C VAL A 6 -2.82 1.88 7.84
N GLU A 7 -2.49 0.62 7.73
CA GLU A 7 -1.10 0.19 8.06
C GLU A 7 -0.38 -0.27 6.80
N CYS A 8 0.88 0.03 6.69
CA CYS A 8 1.68 -0.38 5.51
C CYS A 8 2.04 -1.86 5.65
N ALA A 9 1.47 -2.71 4.84
CA ALA A 9 1.78 -4.16 4.94
C ALA A 9 3.25 -4.42 4.61
N VAL A 10 3.95 -3.41 4.14
CA VAL A 10 5.38 -3.62 3.79
C VAL A 10 6.29 -3.12 4.92
N CYS A 11 6.32 -1.83 5.17
CA CYS A 11 7.21 -1.34 6.27
C CYS A 11 6.42 -1.25 7.58
N LEU A 12 5.11 -1.23 7.50
CA LEU A 12 4.29 -1.15 8.74
C LEU A 12 4.62 0.15 9.47
N ALA A 13 4.77 1.23 8.75
CA ALA A 13 5.10 2.52 9.40
C ALA A 13 3.86 3.42 9.40
N GLU A 14 3.49 3.94 10.53
CA GLU A 14 2.29 4.82 10.59
C GLU A 14 2.34 5.81 9.43
N LEU A 15 1.38 5.76 8.55
CA LEU A 15 1.38 6.71 7.40
C LEU A 15 1.38 8.15 7.92
N GLU A 16 2.52 8.79 7.91
CA GLU A 16 2.59 10.19 8.40
C GLU A 16 2.95 11.12 7.23
N ASP A 17 2.91 12.40 7.45
CA ASP A 17 3.25 13.36 6.36
C ASP A 17 4.72 13.21 6.00
N GLY A 18 5.07 13.49 4.77
CA GLY A 18 6.50 13.35 4.35
C GLY A 18 6.65 12.16 3.40
N GLU A 19 5.72 11.25 3.44
CA GLU A 19 5.82 10.06 2.53
C GLU A 19 4.75 10.18 1.43
N GLU A 20 4.77 9.29 0.48
CA GLU A 20 3.78 9.35 -0.63
C GLU A 20 3.06 8.01 -0.75
N ALA A 21 2.00 7.81 -0.02
CA ALA A 21 1.26 6.52 -0.10
C ALA A 21 0.60 6.39 -1.47
N ARG A 22 -0.04 5.29 -1.73
CA ARG A 22 -0.70 5.10 -3.05
C ARG A 22 -1.92 4.20 -2.86
N PHE A 23 -3.08 4.66 -3.23
CA PHE A 23 -4.31 3.84 -3.09
C PHE A 23 -4.67 3.23 -4.44
N LEU A 24 -5.20 2.04 -4.47
CA LEU A 24 -5.56 1.42 -5.78
C LEU A 24 -7.05 1.65 -6.06
N PRO A 25 -7.39 1.65 -7.32
CA PRO A 25 -8.78 1.87 -7.78
C PRO A 25 -9.62 0.60 -7.58
N ARG A 26 -9.02 -0.45 -7.10
CA ARG A 26 -9.79 -1.72 -6.91
C ARG A 26 -10.32 -1.80 -5.49
N CYS A 27 -9.48 -1.53 -4.55
CA CYS A 27 -9.88 -1.64 -3.12
C CYS A 27 -9.71 -0.30 -2.40
N GLY A 28 -8.56 0.30 -2.50
CA GLY A 28 -8.33 1.59 -1.80
C GLY A 28 -7.22 1.41 -0.76
N HIS A 29 -6.67 0.21 -0.65
CA HIS A 29 -5.57 0.00 0.33
C HIS A 29 -4.43 0.96 -0.03
N GLY A 30 -3.99 1.76 0.89
CA GLY A 30 -2.90 2.73 0.55
C GLY A 30 -1.56 2.24 1.09
N PHE A 31 -0.58 2.16 0.24
CA PHE A 31 0.78 1.72 0.66
C PHE A 31 1.78 2.79 0.24
N HIS A 32 2.85 2.90 0.95
CA HIS A 32 3.87 3.93 0.61
C HIS A 32 4.20 3.88 -0.86
N ALA A 33 4.70 4.95 -1.40
CA ALA A 33 5.09 4.92 -2.84
C ALA A 33 6.41 4.16 -2.92
N GLU A 34 7.16 4.18 -1.85
CA GLU A 34 8.46 3.46 -1.81
C GLU A 34 8.22 1.98 -1.46
N CYS A 35 7.52 1.71 -0.39
CA CYS A 35 7.27 0.28 -0.02
C CYS A 35 6.41 -0.36 -1.11
N VAL A 36 5.44 0.35 -1.59
CA VAL A 36 4.57 -0.22 -2.66
C VAL A 36 5.41 -0.53 -3.91
N ASP A 37 6.47 0.20 -4.13
CA ASP A 37 7.32 -0.05 -5.33
C ASP A 37 8.19 -1.29 -5.08
N MET A 38 8.84 -1.35 -3.96
CA MET A 38 9.69 -2.54 -3.65
C MET A 38 8.78 -3.77 -3.52
N TRP A 39 7.53 -3.54 -3.22
CA TRP A 39 6.59 -4.69 -3.08
C TRP A 39 6.18 -5.17 -4.47
N LEU A 40 6.34 -4.33 -5.46
CA LEU A 40 5.95 -4.76 -6.82
C LEU A 40 7.01 -5.74 -7.30
N GLY A 41 8.16 -5.24 -7.65
CA GLY A 41 9.29 -6.11 -8.12
C GLY A 41 8.77 -7.45 -8.68
N SER A 42 7.65 -7.41 -9.38
CA SER A 42 7.04 -8.65 -9.96
C SER A 42 5.51 -8.56 -9.79
N HIS A 43 5.06 -8.52 -8.57
CA HIS A 43 3.59 -8.43 -8.33
C HIS A 43 3.09 -7.04 -8.69
N SER A 44 2.32 -6.94 -9.74
CA SER A 44 1.77 -5.62 -10.16
C SER A 44 0.38 -5.48 -9.55
N THR A 45 0.22 -6.00 -8.35
CA THR A 45 -1.10 -5.93 -7.69
C THR A 45 -0.97 -5.29 -6.31
N CYS A 46 -2.06 -5.20 -5.61
CA CYS A 46 -2.08 -4.60 -4.25
C CYS A 46 -1.39 -5.57 -3.29
N PRO A 47 -0.55 -5.05 -2.42
CA PRO A 47 0.21 -5.88 -1.46
C PRO A 47 -0.65 -6.40 -0.32
N LEU A 48 -1.77 -5.81 -0.03
CA LEU A 48 -2.53 -6.34 1.12
C LEU A 48 -3.64 -7.29 0.67
N CYS A 49 -4.33 -6.98 -0.40
CA CYS A 49 -5.39 -7.91 -0.85
C CYS A 49 -4.91 -8.63 -2.12
N ARG A 50 -4.33 -7.89 -3.05
CA ARG A 50 -3.78 -8.49 -4.31
C ARG A 50 -4.74 -8.31 -5.48
N LEU A 51 -5.51 -7.25 -5.47
CA LEU A 51 -6.42 -7.03 -6.62
C LEU A 51 -5.58 -6.44 -7.77
N THR A 52 -5.07 -7.27 -8.64
CA THR A 52 -4.23 -6.74 -9.75
C THR A 52 -4.90 -5.51 -10.36
N VAL A 53 -4.12 -4.58 -10.80
CA VAL A 53 -4.70 -3.35 -11.40
C VAL A 53 -4.34 -3.28 -12.88
N VAL A 54 -3.38 -4.04 -13.31
CA VAL A 54 -2.99 -4.02 -14.75
C VAL A 54 -3.42 -5.33 -15.42
N VAL A 55 -4.40 -5.29 -16.27
CA VAL A 55 -4.86 -6.53 -16.95
C VAL A 55 -4.19 -6.65 -18.31
N ALA A 1 -3.58 7.70 22.14
CA ALA A 1 -4.53 6.95 21.28
C ALA A 1 -4.04 6.96 19.83
N MET A 2 -3.94 8.12 19.24
CA MET A 2 -3.46 8.19 17.83
C MET A 2 -4.49 7.56 16.90
N ASP A 3 -4.96 8.29 15.92
CA ASP A 3 -5.98 7.74 14.99
C ASP A 3 -5.26 6.93 13.90
N ASP A 4 -5.48 5.64 13.87
CA ASP A 4 -4.82 4.80 12.84
C ASP A 4 -5.88 3.99 12.08
N GLY A 5 -5.80 3.96 10.79
CA GLY A 5 -6.80 3.18 9.99
C GLY A 5 -6.10 2.43 8.86
N VAL A 6 -5.27 3.10 8.11
CA VAL A 6 -4.56 2.42 7.00
C VAL A 6 -3.17 1.99 7.48
N GLU A 7 -2.74 0.80 7.14
CA GLU A 7 -1.40 0.34 7.57
C GLU A 7 -0.60 -0.18 6.37
N CYS A 8 0.67 0.09 6.35
CA CYS A 8 1.52 -0.37 5.23
C CYS A 8 1.78 -1.87 5.40
N ALA A 9 1.25 -2.67 4.52
CA ALA A 9 1.46 -4.13 4.64
C ALA A 9 2.94 -4.46 4.40
N VAL A 10 3.71 -3.50 3.98
CA VAL A 10 5.15 -3.77 3.72
C VAL A 10 6.01 -3.30 4.91
N CYS A 11 6.08 -2.03 5.17
CA CYS A 11 6.91 -1.57 6.32
C CYS A 11 6.05 -1.42 7.58
N LEU A 12 4.76 -1.44 7.43
CA LEU A 12 3.87 -1.30 8.62
C LEU A 12 4.21 0.00 9.36
N ALA A 13 4.47 1.04 8.62
CA ALA A 13 4.81 2.34 9.27
C ALA A 13 3.60 3.28 9.21
N GLU A 14 3.18 3.81 10.33
CA GLU A 14 2.02 4.72 10.32
C GLU A 14 2.17 5.73 9.19
N LEU A 15 1.28 5.69 8.22
CA LEU A 15 1.38 6.64 7.09
C LEU A 15 1.32 8.07 7.61
N GLU A 16 2.45 8.70 7.79
CA GLU A 16 2.46 10.10 8.30
C GLU A 16 2.61 11.07 7.12
N ASP A 17 2.53 12.34 7.38
CA ASP A 17 2.67 13.33 6.27
C ASP A 17 4.12 13.37 5.79
N GLY A 18 4.35 13.78 4.57
CA GLY A 18 5.74 13.84 4.05
C GLY A 18 6.08 12.53 3.36
N GLU A 19 5.10 11.81 2.90
CA GLU A 19 5.38 10.52 2.22
C GLU A 19 4.54 10.43 0.94
N GLU A 20 4.82 9.47 0.10
CA GLU A 20 4.04 9.31 -1.16
C GLU A 20 3.38 7.94 -1.18
N ALA A 21 2.32 7.78 -0.42
CA ALA A 21 1.63 6.46 -0.38
C ALA A 21 0.79 6.27 -1.65
N ARG A 22 0.72 5.07 -2.15
CA ARG A 22 -0.07 4.81 -3.38
C ARG A 22 -1.33 4.01 -3.02
N PHE A 23 -2.48 4.52 -3.33
CA PHE A 23 -3.75 3.79 -3.00
C PHE A 23 -4.27 3.11 -4.26
N LEU A 24 -4.91 1.98 -4.15
CA LEU A 24 -5.42 1.29 -5.37
C LEU A 24 -6.94 1.51 -5.48
N PRO A 25 -7.45 1.37 -6.69
CA PRO A 25 -8.87 1.56 -6.98
C PRO A 25 -9.73 0.34 -6.59
N ARG A 26 -9.27 -0.85 -6.87
CA ARG A 26 -10.08 -2.05 -6.51
C ARG A 26 -10.47 -2.01 -5.03
N CYS A 27 -9.54 -1.69 -4.20
CA CYS A 27 -9.81 -1.69 -2.73
C CYS A 27 -9.57 -0.32 -2.11
N GLY A 28 -8.42 0.25 -2.33
CA GLY A 28 -8.12 1.57 -1.72
C GLY A 28 -7.03 1.38 -0.66
N HIS A 29 -6.53 0.17 -0.50
CA HIS A 29 -5.46 -0.04 0.50
C HIS A 29 -4.33 0.94 0.19
N GLY A 30 -4.00 1.79 1.10
CA GLY A 30 -2.92 2.79 0.81
C GLY A 30 -1.58 2.29 1.33
N PHE A 31 -0.60 2.20 0.48
CA PHE A 31 0.75 1.74 0.88
C PHE A 31 1.73 2.87 0.61
N HIS A 32 3.00 2.63 0.72
CA HIS A 32 3.99 3.71 0.47
C HIS A 32 4.42 3.69 -0.99
N ALA A 33 4.94 4.77 -1.48
CA ALA A 33 5.42 4.75 -2.89
C ALA A 33 6.72 3.96 -2.91
N GLU A 34 7.42 3.96 -1.81
CA GLU A 34 8.70 3.21 -1.72
C GLU A 34 8.42 1.75 -1.37
N CYS A 35 7.66 1.49 -0.33
CA CYS A 35 7.37 0.07 0.03
C CYS A 35 6.55 -0.57 -1.08
N VAL A 36 5.59 0.14 -1.60
CA VAL A 36 4.74 -0.43 -2.69
C VAL A 36 5.62 -0.76 -3.91
N ASP A 37 6.64 0.03 -4.15
CA ASP A 37 7.52 -0.23 -5.33
C ASP A 37 8.37 -1.47 -5.07
N MET A 38 9.03 -1.52 -3.95
CA MET A 38 9.87 -2.72 -3.63
C MET A 38 8.96 -3.94 -3.50
N TRP A 39 7.71 -3.72 -3.20
CA TRP A 39 6.78 -4.86 -3.05
C TRP A 39 6.34 -5.34 -4.44
N LEU A 40 6.48 -4.51 -5.43
CA LEU A 40 6.07 -4.94 -6.77
C LEU A 40 7.12 -5.91 -7.30
N GLY A 41 8.27 -5.39 -7.66
CA GLY A 41 9.39 -6.26 -8.18
C GLY A 41 8.85 -7.55 -8.82
N SER A 42 7.70 -7.47 -9.47
CA SER A 42 7.06 -8.67 -10.10
C SER A 42 5.54 -8.57 -9.93
N HIS A 43 5.07 -8.54 -8.71
CA HIS A 43 3.61 -8.45 -8.47
C HIS A 43 3.13 -7.04 -8.81
N SER A 44 2.37 -6.92 -9.85
CA SER A 44 1.84 -5.58 -10.25
C SER A 44 0.45 -5.42 -9.62
N THR A 45 0.34 -5.71 -8.36
CA THR A 45 -0.99 -5.62 -7.69
C THR A 45 -0.83 -5.11 -6.26
N CYS A 46 -1.93 -5.05 -5.56
CA CYS A 46 -1.94 -4.58 -4.14
C CYS A 46 -1.25 -5.63 -3.27
N PRO A 47 -0.38 -5.19 -2.39
CA PRO A 47 0.37 -6.10 -1.49
C PRO A 47 -0.47 -6.70 -0.38
N LEU A 48 -1.50 -6.04 0.08
CA LEU A 48 -2.23 -6.64 1.21
C LEU A 48 -3.37 -7.54 0.72
N CYS A 49 -4.09 -7.16 -0.30
CA CYS A 49 -5.19 -8.04 -0.77
C CYS A 49 -4.77 -8.70 -2.09
N ARG A 50 -4.21 -7.94 -3.01
CA ARG A 50 -3.74 -8.45 -4.33
C ARG A 50 -4.74 -8.10 -5.41
N LEU A 51 -5.33 -6.95 -5.28
CA LEU A 51 -6.30 -6.49 -6.30
C LEU A 51 -5.52 -5.67 -7.33
N THR A 52 -5.10 -6.27 -8.41
CA THR A 52 -4.34 -5.53 -9.44
C THR A 52 -4.95 -4.16 -9.67
N VAL A 53 -4.17 -3.21 -10.12
CA VAL A 53 -4.72 -1.85 -10.37
C VAL A 53 -5.03 -1.69 -11.85
N VAL A 54 -4.35 -2.42 -12.69
CA VAL A 54 -4.61 -2.32 -14.16
C VAL A 54 -5.62 -3.41 -14.56
N VAL A 55 -6.46 -3.12 -15.52
CA VAL A 55 -7.46 -4.13 -15.95
C VAL A 55 -6.84 -5.03 -17.03
#